data_3SZB
#
_entry.id   3SZB
#
_cell.length_a   61.377
_cell.length_b   85.727
_cell.length_c   169.555
_cell.angle_alpha   90.000
_cell.angle_beta   90.000
_cell.angle_gamma   90.000
#
_symmetry.space_group_name_H-M   'P 21 21 21'
#
loop_
_entity.id
_entity.type
_entity.pdbx_description
1 polymer 'Aldehyde dehydrogenase'
2 non-polymer 'POTASSIUM ION'
3 non-polymer 'ACETATE ION'
4 non-polymer 1-phenylpropan-1-one
5 water water
#
_entity_poly.entity_id   1
_entity_poly.type   'polypeptide(L)'
_entity_poly.pdbx_seq_one_letter_code
;HHHHHHSSGLVPRGSHMSKISEAVKRARAAFSSGRTRPLQFRIQQLEALQRLIQEQEQELVGALAADLHKNEWNAYYEEV
VYVLEEIEYMIQKLPEWAADEPVEKTPQTQQDELYIHSEPLGVVLVIGTWNYPFNLTIQPMVGAIAAGNAVVLKPSELSE
NMASLLATIIPQYLDKDLYPVINGGVPETTELLKERFDHILYTGSTGVGKIIMTAAAKHLTPVTLELGGKSPCYVDKNCD
LDVACRRIAWGKFMNSGQTCVAPDYILCDPSIQNQIVEKLKKSLKEFYGEDAKKSRDYGRIISARHFQRVMGLIEGQKVA
YGGTGDAATRYIAPTILTDVDPQSPVMQEEIFGPVLPIVCVRSLEEAIQFINQREKPLALYMFSSNDKVIKKMIAETSSG
GVAANDVIVHITLHSLPFGGVGNSGMGSYHGKKSFETFSHRRSCLVRPLMNDEGLKVRYPPSPAKMTQH
;
_entity_poly.pdbx_strand_id   A,B
#
# COMPACT_ATOMS: atom_id res chain seq x y z
N SER A 18 -19.26 11.45 -22.28
CA SER A 18 -20.16 11.70 -21.12
C SER A 18 -19.60 12.83 -20.25
N LYS A 19 -20.42 13.37 -19.36
CA LYS A 19 -19.95 14.44 -18.46
C LYS A 19 -18.83 13.91 -17.54
N ILE A 20 -19.00 12.68 -17.06
CA ILE A 20 -17.94 12.04 -16.25
C ILE A 20 -16.62 11.87 -17.00
N SER A 21 -16.68 11.31 -18.20
CA SER A 21 -15.45 11.15 -18.98
C SER A 21 -14.77 12.47 -19.26
N GLU A 22 -15.56 13.48 -19.63
CA GLU A 22 -15.01 14.80 -19.92
C GLU A 22 -14.34 15.42 -18.70
N ALA A 23 -14.97 15.27 -17.54
CA ALA A 23 -14.41 15.80 -16.29
C ALA A 23 -13.09 15.13 -15.93
N VAL A 24 -13.05 13.82 -16.07
CA VAL A 24 -11.77 13.14 -15.82
C VAL A 24 -10.68 13.51 -16.84
N LYS A 25 -11.08 13.61 -18.12
CA LYS A 25 -10.16 14.01 -19.18
C LYS A 25 -9.58 15.41 -18.90
N ARG A 26 -10.40 16.36 -18.46
CA ARG A 26 -9.90 17.72 -18.17
C ARG A 26 -8.96 17.70 -16.96
N ALA A 27 -9.28 16.88 -15.96
CA ALA A 27 -8.39 16.80 -14.81
C ALA A 27 -7.04 16.22 -15.17
N ARG A 28 -7.05 15.16 -16.00
CA ARG A 28 -5.82 14.57 -16.47
C ARG A 28 -4.95 15.52 -17.32
N ALA A 29 -5.60 16.26 -18.22
CA ALA A 29 -4.88 17.20 -19.09
C ALA A 29 -4.25 18.29 -18.23
N ALA A 30 -5.00 18.73 -17.22
CA ALA A 30 -4.52 19.80 -16.36
C ALA A 30 -3.34 19.26 -15.55
N PHE A 31 -3.47 18.02 -15.05
CA PHE A 31 -2.30 17.47 -14.39
C PHE A 31 -1.05 17.32 -15.30
N SER A 32 -1.26 16.81 -16.51
CA SER A 32 -0.15 16.54 -17.38
C SER A 32 0.52 17.83 -17.87
N SER A 33 -0.19 18.95 -17.80
CA SER A 33 0.41 20.29 -18.08
C SER A 33 1.50 20.72 -17.12
N GLY A 34 1.61 20.08 -15.95
CA GLY A 34 2.63 20.43 -14.97
C GLY A 34 2.18 21.46 -13.94
N ARG A 35 0.93 21.88 -14.04
CA ARG A 35 0.38 22.92 -13.19
C ARG A 35 0.53 22.69 -11.68
N THR A 36 0.38 21.45 -11.24
CA THR A 36 0.36 21.16 -9.82
C THR A 36 1.73 20.90 -9.25
N ARG A 37 2.79 20.88 -10.09
CA ARG A 37 4.11 20.45 -9.61
C ARG A 37 4.74 21.43 -8.62
N PRO A 38 4.71 22.75 -8.92
CA PRO A 38 5.28 23.69 -7.94
C PRO A 38 4.50 23.68 -6.61
N LEU A 39 5.23 23.63 -5.50
CA LEU A 39 4.59 23.61 -4.18
C LEU A 39 3.70 24.85 -3.99
N GLN A 40 4.11 25.99 -4.57
CA GLN A 40 3.33 27.22 -4.46
C GLN A 40 1.93 27.04 -4.96
N PHE A 41 1.74 26.27 -6.04
CA PHE A 41 0.43 26.10 -6.60
C PHE A 41 -0.38 25.29 -5.58
N ARG A 42 0.24 24.24 -5.04
CA ARG A 42 -0.52 23.31 -4.15
C ARG A 42 -0.95 24.06 -2.88
N ILE A 43 -0.04 24.89 -2.34
CA ILE A 43 -0.33 25.72 -1.19
C ILE A 43 -1.45 26.74 -1.50
N GLN A 44 -1.46 27.34 -2.69
CA GLN A 44 -2.57 28.22 -3.07
C GLN A 44 -3.91 27.48 -3.03
N GLN A 45 -3.93 26.23 -3.51
CA GLN A 45 -5.20 25.49 -3.48
C GLN A 45 -5.59 25.14 -2.05
N LEU A 46 -4.61 24.73 -1.24
CA LEU A 46 -4.90 24.47 0.19
C LEU A 46 -5.35 25.70 0.96
N GLU A 47 -4.77 26.85 0.63
CA GLU A 47 -5.25 28.12 1.20
C GLU A 47 -6.67 28.49 0.74
N ALA A 48 -7.00 28.16 -0.50
CA ALA A 48 -8.37 28.35 -1.00
C ALA A 48 -9.35 27.47 -0.21
N LEU A 49 -8.94 26.24 0.14
CA LEU A 49 -9.78 25.39 1.00
C LEU A 49 -9.95 25.94 2.43
N GLN A 50 -8.90 26.58 2.95
CA GLN A 50 -9.00 27.26 4.24
C GLN A 50 -10.05 28.36 4.14
N ARG A 51 -9.98 29.16 3.07
CA ARG A 51 -10.97 30.20 2.86
C ARG A 51 -12.38 29.64 2.71
N LEU A 52 -12.52 28.54 1.96
CA LEU A 52 -13.84 27.91 1.78
C LEU A 52 -14.44 27.54 3.15
N ILE A 53 -13.65 26.91 4.00
CA ILE A 53 -14.13 26.51 5.33
C ILE A 53 -14.57 27.70 6.18
N GLN A 54 -13.75 28.76 6.19
CA GLN A 54 -14.09 29.99 6.92
C GLN A 54 -15.32 30.68 6.34
N GLU A 55 -15.35 30.89 5.03
CA GLU A 55 -16.42 31.69 4.43
C GLU A 55 -17.73 30.94 4.33
N GLN A 56 -17.65 29.61 4.28
CA GLN A 56 -18.84 28.79 4.10
C GLN A 56 -19.26 28.09 5.39
N GLU A 57 -18.77 28.59 6.54
CA GLU A 57 -19.06 27.92 7.84
C GLU A 57 -20.57 27.65 8.04
N GLN A 58 -21.40 28.67 7.85
CA GLN A 58 -22.81 28.49 8.13
C GLN A 58 -23.47 27.52 7.18
N GLU A 59 -23.02 27.52 5.94
CA GLU A 59 -23.59 26.68 4.90
C GLU A 59 -23.20 25.23 5.17
N LEU A 60 -21.96 25.03 5.62
CA LEU A 60 -21.51 23.69 6.04
C LEU A 60 -22.33 23.19 7.22
N VAL A 61 -22.56 24.05 8.22
CA VAL A 61 -23.39 23.67 9.37
C VAL A 61 -24.81 23.35 8.89
N GLY A 62 -25.37 24.18 7.99
CA GLY A 62 -26.75 23.93 7.56
C GLY A 62 -26.90 22.59 6.83
N ALA A 63 -25.91 22.26 5.99
CA ALA A 63 -25.92 20.97 5.32
C ALA A 63 -25.82 19.80 6.29
N LEU A 64 -24.89 19.90 7.24
CA LEU A 64 -24.74 18.81 8.21
C LEU A 64 -25.97 18.70 9.13
N ALA A 65 -26.59 19.83 9.48
CA ALA A 65 -27.82 19.78 10.25
C ALA A 65 -28.92 19.07 9.45
N ALA A 66 -29.03 19.38 8.15
CA ALA A 66 -30.10 18.83 7.36
C ALA A 66 -29.87 17.36 7.09
N ASP A 67 -28.59 16.98 6.89
CA ASP A 67 -28.30 15.57 6.58
C ASP A 67 -28.32 14.62 7.80
N LEU A 68 -27.78 15.09 8.92
CA LEU A 68 -27.42 14.22 10.03
C LEU A 68 -27.87 14.78 11.38
N HIS A 69 -28.51 15.97 11.38
CA HIS A 69 -28.98 16.59 12.63
C HIS A 69 -27.80 16.93 13.54
N LYS A 70 -26.69 17.35 12.92
CA LYS A 70 -25.57 18.03 13.63
C LYS A 70 -25.98 19.45 13.99
N ASN A 71 -25.20 20.08 14.86
CA ASN A 71 -25.42 21.51 15.18
C ASN A 71 -24.13 22.29 14.90
N GLU A 72 -24.17 23.59 15.15
CA GLU A 72 -23.06 24.48 14.86
C GLU A 72 -21.79 24.06 15.59
N TRP A 73 -21.93 23.51 16.79
CA TRP A 73 -20.77 23.18 17.56
C TRP A 73 -20.14 21.85 17.09
N ASN A 74 -20.94 20.78 17.05
CA ASN A 74 -20.34 19.51 16.66
C ASN A 74 -20.02 19.40 15.18
N ALA A 75 -20.64 20.24 14.34
CA ALA A 75 -20.22 20.29 12.96
C ALA A 75 -18.75 20.67 12.89
N TYR A 76 -18.36 21.63 13.72
CA TYR A 76 -16.98 22.06 13.76
C TYR A 76 -16.10 21.13 14.56
N TYR A 77 -16.42 20.94 15.84
CA TYR A 77 -15.52 20.25 16.77
C TYR A 77 -15.51 18.72 16.65
N GLU A 78 -16.43 18.12 15.89
CA GLU A 78 -16.37 16.69 15.65
C GLU A 78 -16.09 16.39 14.20
N GLU A 79 -15.87 17.43 13.37
CA GLU A 79 -15.69 17.17 11.94
C GLU A 79 -14.80 18.17 11.20
N VAL A 80 -15.29 19.42 11.08
CA VAL A 80 -14.67 20.37 10.19
C VAL A 80 -13.29 20.78 10.73
N VAL A 81 -13.13 20.85 12.05
CA VAL A 81 -11.87 21.33 12.63
C VAL A 81 -10.70 20.42 12.22
N TYR A 82 -10.97 19.13 12.01
CA TYR A 82 -9.86 18.20 11.67
C TYR A 82 -9.36 18.44 10.26
N VAL A 83 -10.26 18.86 9.36
CA VAL A 83 -9.84 19.29 8.04
C VAL A 83 -8.94 20.52 8.09
N LEU A 84 -9.35 21.51 8.86
CA LEU A 84 -8.52 22.71 9.04
C LEU A 84 -7.17 22.36 9.63
N GLU A 85 -7.13 21.51 10.66
CA GLU A 85 -5.86 21.13 11.29
C GLU A 85 -4.95 20.46 10.27
N GLU A 86 -5.52 19.62 9.43
CA GLU A 86 -4.75 18.91 8.41
C GLU A 86 -4.16 19.90 7.41
N ILE A 87 -4.96 20.86 6.93
CA ILE A 87 -4.50 21.83 5.96
C ILE A 87 -3.34 22.63 6.54
N GLU A 88 -3.49 23.11 7.78
CA GLU A 88 -2.45 23.96 8.33
C GLU A 88 -1.14 23.21 8.51
N TYR A 89 -1.24 21.95 8.98
CA TYR A 89 -0.08 21.10 9.16
C TYR A 89 0.59 20.78 7.83
N MET A 90 -0.18 20.43 6.82
CA MET A 90 0.41 20.07 5.52
C MET A 90 1.06 21.27 4.84
N ILE A 91 0.49 22.46 4.96
CA ILE A 91 1.13 23.64 4.40
C ILE A 91 2.49 23.84 5.07
N GLN A 92 2.51 23.74 6.39
CA GLN A 92 3.75 23.91 7.15
C GLN A 92 4.83 22.90 6.74
N LYS A 93 4.46 21.63 6.57
CA LYS A 93 5.46 20.58 6.39
C LYS A 93 5.76 20.24 4.96
N LEU A 94 4.97 20.78 4.03
CA LEU A 94 5.09 20.38 2.62
C LEU A 94 6.50 20.48 2.04
N PRO A 95 7.20 21.61 2.26
CA PRO A 95 8.55 21.68 1.68
C PRO A 95 9.47 20.55 2.20
N GLU A 96 9.42 20.26 3.50
CA GLU A 96 10.21 19.17 4.05
C GLU A 96 9.79 17.79 3.49
N TRP A 97 8.50 17.49 3.46
CA TRP A 97 8.04 16.20 2.95
C TRP A 97 8.34 15.98 1.48
N ALA A 98 8.28 17.05 0.69
CA ALA A 98 8.45 16.92 -0.76
C ALA A 98 9.93 16.87 -1.18
N ALA A 99 10.83 17.26 -0.28
CA ALA A 99 12.26 17.22 -0.59
C ALA A 99 12.74 15.80 -0.89
N ASP A 100 13.65 15.68 -1.83
CA ASP A 100 14.40 14.44 -1.98
C ASP A 100 14.99 14.01 -0.65
N GLU A 101 14.89 12.71 -0.37
CA GLU A 101 15.28 12.20 0.93
C GLU A 101 16.52 11.30 0.80
N PRO A 102 17.71 11.79 1.24
CA PRO A 102 18.90 10.93 1.17
C PRO A 102 18.73 9.68 2.03
N VAL A 103 19.21 8.53 1.55
CA VAL A 103 19.15 7.28 2.31
C VAL A 103 20.55 6.76 2.59
N GLU A 104 20.65 5.73 3.43
CA GLU A 104 21.93 5.23 3.90
C GLU A 104 22.76 4.57 2.78
N LYS A 105 24.06 4.86 2.77
CA LYS A 105 24.94 4.34 1.73
C LYS A 105 25.67 3.09 2.29
N THR A 106 26.57 2.54 1.48
CA THR A 106 27.40 1.40 1.88
C THR A 106 28.84 1.79 1.54
N PRO A 107 29.84 0.97 1.93
CA PRO A 107 31.21 1.35 1.47
C PRO A 107 31.39 1.37 -0.06
N GLN A 108 30.65 0.52 -0.77
CA GLN A 108 30.69 0.44 -2.24
C GLN A 108 29.93 1.57 -2.96
N THR A 109 29.14 2.35 -2.23
CA THR A 109 28.32 3.42 -2.82
C THR A 109 28.64 4.81 -2.26
N GLN A 110 29.81 4.95 -1.64
CA GLN A 110 30.23 6.23 -1.05
C GLN A 110 30.25 7.41 -2.02
N GLN A 111 30.57 7.17 -3.29
CA GLN A 111 30.69 8.25 -4.27
C GLN A 111 29.37 8.44 -5.02
N ASP A 112 28.34 7.71 -4.60
CA ASP A 112 27.05 7.77 -5.28
C ASP A 112 26.09 8.69 -4.52
N GLU A 113 25.05 9.14 -5.20
CA GLU A 113 23.90 9.73 -4.51
C GLU A 113 22.82 8.64 -4.42
N LEU A 114 22.28 8.46 -3.22
CA LEU A 114 21.16 7.54 -2.99
C LEU A 114 20.03 8.27 -2.30
N TYR A 115 18.85 8.32 -2.94
CA TYR A 115 17.77 9.06 -2.33
C TYR A 115 16.40 8.60 -2.82
N ILE A 116 15.36 8.97 -2.05
CA ILE A 116 13.96 8.69 -2.40
C ILE A 116 13.36 9.99 -2.96
N HIS A 117 12.87 9.96 -4.19
CA HIS A 117 12.22 11.14 -4.78
C HIS A 117 10.71 10.92 -4.72
N SER A 118 9.98 11.91 -4.21
CA SER A 118 8.51 11.83 -4.17
C SER A 118 7.92 12.51 -5.36
N GLU A 119 6.89 11.94 -5.94
CA GLU A 119 6.27 12.57 -7.09
C GLU A 119 4.79 12.21 -7.10
N PRO A 120 3.93 13.08 -7.64
CA PRO A 120 2.49 12.75 -7.69
C PRO A 120 2.22 11.46 -8.45
N LEU A 121 1.10 10.82 -8.14
CA LEU A 121 0.61 9.71 -8.91
C LEU A 121 -0.13 10.11 -10.19
N GLY A 122 -0.83 11.24 -10.13
CA GLY A 122 -1.53 11.76 -11.31
C GLY A 122 -2.91 12.27 -10.93
N VAL A 123 -3.92 11.49 -11.29
CA VAL A 123 -5.32 11.82 -10.98
C VAL A 123 -5.81 10.83 -9.90
N VAL A 124 -6.11 11.34 -8.72
CA VAL A 124 -6.63 10.54 -7.62
C VAL A 124 -8.12 10.69 -7.57
N LEU A 125 -8.82 9.59 -7.30
CA LEU A 125 -10.26 9.59 -7.04
C LEU A 125 -10.44 9.45 -5.53
N VAL A 126 -11.19 10.34 -4.90
CA VAL A 126 -11.66 10.19 -3.53
C VAL A 126 -13.17 9.92 -3.56
N ILE A 127 -13.60 8.75 -3.06
CA ILE A 127 -15.00 8.45 -2.91
C ILE A 127 -15.36 8.66 -1.47
N GLY A 128 -16.21 9.64 -1.22
CA GLY A 128 -16.65 9.96 0.14
C GLY A 128 -17.73 9.02 0.64
N THR A 129 -17.99 9.16 1.93
CA THR A 129 -19.11 8.46 2.54
C THR A 129 -19.98 9.51 3.25
N TRP A 130 -21.08 9.05 3.79
CA TRP A 130 -22.16 9.95 4.22
C TRP A 130 -22.16 10.37 5.68
N ASN A 131 -21.41 9.66 6.54
CA ASN A 131 -21.57 9.88 7.96
C ASN A 131 -20.79 11.08 8.49
N TYR A 132 -19.61 11.33 7.92
CA TYR A 132 -18.89 12.62 8.12
C TYR A 132 -18.62 13.10 6.71
N PRO A 133 -19.62 13.71 6.07
CA PRO A 133 -19.53 13.88 4.61
C PRO A 133 -18.62 15.02 4.18
N PHE A 134 -18.27 15.90 5.11
CA PHE A 134 -17.28 16.91 4.82
C PHE A 134 -15.89 16.36 5.11
N ASN A 135 -15.67 15.87 6.33
CA ASN A 135 -14.35 15.34 6.66
C ASN A 135 -13.89 14.22 5.74
N LEU A 136 -14.78 13.28 5.44
CA LEU A 136 -14.37 12.07 4.72
C LEU A 136 -14.38 12.24 3.20
N THR A 137 -14.64 13.46 2.75
CA THR A 137 -14.41 13.83 1.37
C THR A 137 -13.22 14.76 1.30
N ILE A 138 -13.16 15.76 2.16
CA ILE A 138 -12.17 16.82 2.00
C ILE A 138 -10.84 16.52 2.70
N GLN A 139 -10.86 15.82 3.84
CA GLN A 139 -9.57 15.57 4.48
C GLN A 139 -8.67 14.65 3.58
N PRO A 140 -9.21 13.57 2.99
CA PRO A 140 -8.41 12.87 1.98
C PRO A 140 -7.96 13.76 0.82
N MET A 141 -8.87 14.60 0.35
CA MET A 141 -8.53 15.51 -0.77
C MET A 141 -7.34 16.43 -0.39
N VAL A 142 -7.31 16.90 0.84
CA VAL A 142 -6.21 17.78 1.28
C VAL A 142 -4.83 17.11 1.05
N GLY A 143 -4.73 15.85 1.46
CA GLY A 143 -3.51 15.09 1.25
C GLY A 143 -3.17 14.84 -0.20
N ALA A 144 -4.17 14.54 -1.02
CA ALA A 144 -3.92 14.28 -2.42
C ALA A 144 -3.52 15.60 -3.17
N ILE A 145 -4.06 16.75 -2.77
CA ILE A 145 -3.68 18.05 -3.32
C ILE A 145 -2.24 18.34 -2.91
N ALA A 146 -1.93 18.09 -1.64
CA ALA A 146 -0.59 18.34 -1.11
C ALA A 146 0.47 17.54 -1.86
N ALA A 147 0.12 16.32 -2.27
CA ALA A 147 1.05 15.47 -3.03
C ALA A 147 1.14 15.81 -4.51
N GLY A 148 0.40 16.85 -4.92
CA GLY A 148 0.49 17.35 -6.31
C GLY A 148 -0.34 16.63 -7.36
N ASN A 149 -1.41 15.97 -6.92
CA ASN A 149 -2.31 15.29 -7.82
C ASN A 149 -3.48 16.17 -8.22
N ALA A 150 -4.06 15.85 -9.37
CA ALA A 150 -5.46 16.24 -9.60
C ALA A 150 -6.31 15.33 -8.71
N VAL A 151 -7.45 15.83 -8.25
CA VAL A 151 -8.32 15.04 -7.34
C VAL A 151 -9.78 15.15 -7.74
N VAL A 152 -10.33 14.04 -8.19
CA VAL A 152 -11.73 13.97 -8.53
C VAL A 152 -12.47 13.53 -7.28
N LEU A 153 -13.54 14.22 -6.94
CA LEU A 153 -14.35 13.84 -5.78
C LEU A 153 -15.69 13.27 -6.14
N LYS A 154 -16.05 12.15 -5.49
CA LYS A 154 -17.41 11.64 -5.58
C LYS A 154 -18.00 11.64 -4.18
N PRO A 155 -18.76 12.68 -3.83
CA PRO A 155 -19.51 12.64 -2.58
C PRO A 155 -20.57 11.53 -2.54
N SER A 156 -20.91 11.09 -1.33
CA SER A 156 -22.02 10.17 -1.17
C SER A 156 -23.34 10.88 -1.37
N GLU A 157 -24.20 10.31 -2.20
CA GLU A 157 -25.57 10.80 -2.40
C GLU A 157 -26.47 10.71 -1.13
N LEU A 158 -26.09 9.87 -0.15
CA LEU A 158 -26.98 9.69 1.00
C LEU A 158 -27.00 10.93 1.88
N SER A 159 -25.87 11.66 1.90
CA SER A 159 -25.82 12.96 2.55
C SER A 159 -26.05 14.00 1.45
N GLU A 160 -27.32 14.11 1.09
CA GLU A 160 -27.71 14.88 -0.10
C GLU A 160 -27.36 16.36 0.01
N ASN A 161 -27.54 16.93 1.17
CA ASN A 161 -27.32 18.39 1.30
C ASN A 161 -25.84 18.73 1.17
N MET A 162 -24.99 17.93 1.82
CA MET A 162 -23.55 18.16 1.72
C MET A 162 -23.09 17.86 0.30
N ALA A 163 -23.62 16.82 -0.37
CA ALA A 163 -23.22 16.55 -1.75
C ALA A 163 -23.53 17.73 -2.67
N SER A 164 -24.72 18.33 -2.53
CA SER A 164 -25.12 19.50 -3.37
C SER A 164 -24.24 20.71 -3.04
N LEU A 165 -24.00 20.91 -1.75
CA LEU A 165 -23.20 22.02 -1.34
C LEU A 165 -21.79 21.94 -1.90
N LEU A 166 -21.16 20.79 -1.77
CA LEU A 166 -19.78 20.66 -2.25
C LEU A 166 -19.71 20.87 -3.77
N ALA A 167 -20.71 20.35 -4.50
CA ALA A 167 -20.76 20.57 -5.97
C ALA A 167 -20.73 22.07 -6.31
N THR A 168 -21.37 22.89 -5.49
CA THR A 168 -21.38 24.34 -5.71
C THR A 168 -20.05 24.97 -5.24
N ILE A 169 -19.67 24.71 -4.00
CA ILE A 169 -18.60 25.50 -3.45
C ILE A 169 -17.19 25.06 -3.83
N ILE A 170 -16.93 23.78 -4.07
CA ILE A 170 -15.57 23.38 -4.43
C ILE A 170 -15.02 24.13 -5.66
N PRO A 171 -15.79 24.18 -6.77
CA PRO A 171 -15.26 24.92 -7.96
C PRO A 171 -15.29 26.43 -7.80
N GLN A 172 -15.99 26.92 -6.78
CA GLN A 172 -15.95 28.36 -6.47
C GLN A 172 -14.61 28.74 -5.89
N TYR A 173 -13.93 27.80 -5.23
CA TYR A 173 -12.69 28.07 -4.53
C TYR A 173 -11.44 27.46 -5.14
N LEU A 174 -11.59 26.26 -5.71
CA LEU A 174 -10.47 25.50 -6.28
C LEU A 174 -10.44 25.48 -7.80
N ASP A 175 -9.26 25.18 -8.34
CA ASP A 175 -9.10 24.99 -9.76
C ASP A 175 -10.17 24.10 -10.33
N LYS A 176 -10.90 24.58 -11.32
CA LYS A 176 -12.10 23.90 -11.80
C LYS A 176 -11.81 22.64 -12.60
N ASP A 177 -10.66 22.58 -13.25
CA ASP A 177 -10.30 21.39 -14.04
C ASP A 177 -9.66 20.30 -13.17
N LEU A 178 -8.78 20.70 -12.28
CA LEU A 178 -7.99 19.76 -11.49
C LEU A 178 -8.83 19.03 -10.44
N TYR A 179 -9.87 19.68 -9.93
CA TYR A 179 -10.55 19.21 -8.72
C TYR A 179 -12.05 19.15 -8.90
N PRO A 180 -12.54 18.38 -9.89
CA PRO A 180 -13.99 18.33 -10.15
C PRO A 180 -14.77 17.49 -9.14
N VAL A 181 -16.04 17.83 -8.97
CA VAL A 181 -16.96 17.07 -8.13
C VAL A 181 -17.93 16.34 -9.07
N ILE A 182 -18.07 15.02 -8.87
CA ILE A 182 -18.94 14.19 -9.68
C ILE A 182 -20.26 13.97 -8.93
N ASN A 183 -21.38 14.39 -9.53
CA ASN A 183 -22.68 14.21 -8.90
C ASN A 183 -23.20 12.81 -9.11
N GLY A 184 -24.22 12.44 -8.34
CA GLY A 184 -25.00 11.23 -8.58
C GLY A 184 -24.81 10.15 -7.53
N GLY A 185 -25.35 8.98 -7.84
CA GLY A 185 -25.43 7.90 -6.90
C GLY A 185 -24.66 6.69 -7.37
N VAL A 186 -25.21 5.51 -7.10
CA VAL A 186 -24.51 4.27 -7.42
C VAL A 186 -24.20 4.11 -8.93
N PRO A 187 -25.18 4.39 -9.82
CA PRO A 187 -24.88 4.31 -11.25
C PRO A 187 -23.72 5.23 -11.70
N GLU A 188 -23.68 6.45 -11.16
CA GLU A 188 -22.66 7.40 -11.52
C GLU A 188 -21.32 7.00 -10.96
N THR A 189 -21.33 6.41 -9.76
CA THR A 189 -20.07 5.92 -9.20
C THR A 189 -19.51 4.76 -10.03
N THR A 190 -20.40 3.87 -10.47
CA THR A 190 -20.02 2.72 -11.28
C THR A 190 -19.42 3.19 -12.61
N GLU A 191 -20.05 4.19 -13.23
CA GLU A 191 -19.55 4.77 -14.46
C GLU A 191 -18.18 5.40 -14.20
N LEU A 192 -18.09 6.17 -13.11
CA LEU A 192 -16.84 6.79 -12.73
C LEU A 192 -15.67 5.81 -12.52
N LEU A 193 -15.99 4.65 -11.95
CA LEU A 193 -14.98 3.60 -11.69
C LEU A 193 -14.46 2.91 -12.93
N LYS A 194 -15.05 3.19 -14.09
CA LYS A 194 -14.48 2.74 -15.37
C LYS A 194 -13.36 3.65 -15.88
N GLU A 195 -13.33 4.92 -15.43
CA GLU A 195 -12.27 5.84 -15.78
C GLU A 195 -10.96 5.40 -15.16
N ARG A 196 -9.86 5.84 -15.77
CA ARG A 196 -8.53 5.47 -15.31
C ARG A 196 -7.97 6.49 -14.32
N PHE A 197 -7.76 6.01 -13.10
CA PHE A 197 -7.14 6.83 -12.05
C PHE A 197 -5.80 6.27 -11.66
N ASP A 198 -4.97 7.11 -11.03
CA ASP A 198 -3.67 6.67 -10.53
C ASP A 198 -3.70 6.28 -9.04
N HIS A 199 -4.83 6.54 -8.34
CA HIS A 199 -5.00 6.04 -6.95
C HIS A 199 -6.47 6.24 -6.68
N ILE A 200 -7.10 5.35 -5.90
CA ILE A 200 -8.46 5.53 -5.41
C ILE A 200 -8.46 5.38 -3.90
N LEU A 201 -9.01 6.39 -3.20
CA LEU A 201 -9.28 6.26 -1.79
C LEU A 201 -10.78 6.16 -1.61
N TYR A 202 -11.25 5.10 -0.95
CA TYR A 202 -12.67 4.87 -0.71
C TYR A 202 -12.85 4.68 0.74
N THR A 203 -13.85 5.36 1.30
CA THR A 203 -14.36 5.10 2.64
C THR A 203 -15.77 4.57 2.56
N GLY A 204 -16.03 3.45 3.20
CA GLY A 204 -17.39 2.92 3.19
C GLY A 204 -17.44 1.48 3.70
N SER A 205 -18.18 0.63 3.01
CA SER A 205 -18.40 -0.71 3.55
C SER A 205 -17.38 -1.70 3.05
N THR A 206 -17.18 -2.77 3.82
CA THR A 206 -16.32 -3.88 3.43
C THR A 206 -16.75 -4.48 2.11
N GLY A 207 -18.05 -4.71 1.94
CA GLY A 207 -18.47 -5.31 0.66
C GLY A 207 -18.28 -4.42 -0.56
N VAL A 208 -18.56 -3.11 -0.44
CA VAL A 208 -18.30 -2.22 -1.57
C VAL A 208 -16.78 -2.04 -1.79
N GLY A 209 -15.97 -2.13 -0.75
CA GLY A 209 -14.52 -2.10 -0.91
C GLY A 209 -14.02 -3.17 -1.91
N LYS A 210 -14.64 -4.34 -1.86
CA LYS A 210 -14.31 -5.40 -2.85
C LYS A 210 -14.59 -4.96 -4.26
N ILE A 211 -15.73 -4.29 -4.44
CA ILE A 211 -16.14 -3.77 -5.75
C ILE A 211 -15.15 -2.70 -6.23
N ILE A 212 -14.73 -1.83 -5.32
CA ILE A 212 -13.78 -0.80 -5.69
C ILE A 212 -12.46 -1.42 -6.13
N MET A 213 -11.97 -2.38 -5.34
CA MET A 213 -10.68 -2.96 -5.65
C MET A 213 -10.76 -3.73 -6.96
N THR A 214 -11.92 -4.37 -7.23
CA THR A 214 -12.09 -5.08 -8.51
C THR A 214 -12.05 -4.10 -9.67
N ALA A 215 -12.71 -2.94 -9.53
CA ALA A 215 -12.67 -1.92 -10.61
C ALA A 215 -11.25 -1.38 -10.77
N ALA A 216 -10.56 -1.14 -9.65
CA ALA A 216 -9.21 -0.64 -9.67
C ALA A 216 -8.27 -1.57 -10.42
N ALA A 217 -8.45 -2.88 -10.20
CA ALA A 217 -7.58 -3.88 -10.83
C ALA A 217 -7.55 -3.76 -12.35
N LYS A 218 -8.65 -3.32 -12.96
CA LYS A 218 -8.72 -3.19 -14.43
C LYS A 218 -7.71 -2.22 -14.98
N HIS A 219 -7.29 -1.26 -14.15
CA HIS A 219 -6.30 -0.27 -14.53
C HIS A 219 -5.02 -0.36 -13.71
N LEU A 220 -4.85 -1.43 -12.92
CA LEU A 220 -3.75 -1.52 -11.93
C LEU A 220 -3.62 -0.24 -11.10
N THR A 221 -4.76 0.19 -10.59
CA THR A 221 -4.83 1.38 -9.75
C THR A 221 -4.69 0.99 -8.29
N PRO A 222 -3.67 1.49 -7.60
CA PRO A 222 -3.57 1.25 -6.14
C PRO A 222 -4.72 1.86 -5.36
N VAL A 223 -5.07 1.22 -4.26
CA VAL A 223 -6.24 1.64 -3.47
C VAL A 223 -5.90 1.85 -1.99
N THR A 224 -6.54 2.84 -1.40
CA THR A 224 -6.64 2.96 0.05
C THR A 224 -8.10 2.71 0.35
N LEU A 225 -8.38 1.63 1.13
CA LEU A 225 -9.75 1.26 1.46
C LEU A 225 -9.93 1.37 2.95
N GLU A 226 -10.85 2.23 3.38
CA GLU A 226 -11.15 2.50 4.77
C GLU A 226 -12.52 1.93 4.97
N LEU A 227 -12.61 0.72 5.55
CA LEU A 227 -13.85 -0.05 5.49
C LEU A 227 -14.45 -0.29 6.86
N GLY A 228 -15.00 -1.49 7.10
CA GLY A 228 -15.88 -1.67 8.25
C GLY A 228 -15.54 -2.86 9.11
N GLY A 229 -16.46 -3.15 10.01
CA GLY A 229 -16.23 -4.15 11.06
C GLY A 229 -17.02 -3.77 12.27
N LYS A 230 -16.92 -4.59 13.31
CA LYS A 230 -17.45 -4.24 14.63
C LYS A 230 -16.27 -4.02 15.57
N SER A 231 -16.05 -2.76 15.94
CA SER A 231 -14.96 -2.39 16.84
C SER A 231 -15.27 -2.80 18.28
N PRO A 232 -14.54 -3.81 18.82
CA PRO A 232 -14.89 -4.26 20.14
C PRO A 232 -14.43 -3.30 21.23
N CYS A 233 -15.10 -3.30 22.37
CA CYS A 233 -14.67 -2.52 23.51
C CYS A 233 -14.67 -3.39 24.76
N TYR A 234 -13.46 -3.80 25.12
CA TYR A 234 -13.31 -4.68 26.29
C TYR A 234 -13.20 -3.82 27.49
N VAL A 235 -13.98 -4.13 28.53
CA VAL A 235 -13.90 -3.38 29.78
C VAL A 235 -13.44 -4.32 30.91
N ASP A 236 -12.25 -4.06 31.44
CA ASP A 236 -11.63 -4.87 32.52
C ASP A 236 -12.39 -4.73 33.84
N LYS A 237 -12.34 -5.82 34.60
N LYS A 237 -12.30 -5.77 34.67
CA LYS A 237 -13.21 -6.03 35.74
CA LYS A 237 -12.67 -5.64 36.07
C LYS A 237 -13.00 -5.02 36.85
C LYS A 237 -11.74 -4.67 36.77
N ASN A 238 -11.75 -4.60 37.08
N ASN A 238 -12.08 -4.31 38.00
CA ASN A 238 -11.39 -3.83 38.27
CA ASN A 238 -11.22 -3.43 38.77
C ASN A 238 -10.97 -2.37 38.04
C ASN A 238 -10.77 -2.20 38.02
N CYS A 239 -11.46 -1.78 36.95
CA CYS A 239 -11.12 -0.45 36.46
C CYS A 239 -12.21 0.56 36.88
N ASP A 240 -11.87 1.85 36.80
CA ASP A 240 -12.76 2.94 37.16
C ASP A 240 -13.87 3.07 36.13
N LEU A 241 -15.04 2.52 36.48
CA LEU A 241 -16.14 2.51 35.54
C LEU A 241 -16.83 3.84 35.30
N ASP A 242 -16.73 4.78 36.25
CA ASP A 242 -17.30 6.10 36.05
C ASP A 242 -16.56 6.81 34.93
N VAL A 243 -15.23 6.76 34.97
CA VAL A 243 -14.44 7.31 33.87
C VAL A 243 -14.64 6.54 32.56
N ALA A 244 -14.54 5.21 32.62
CA ALA A 244 -14.59 4.40 31.41
C ALA A 244 -15.93 4.62 30.68
N CYS A 245 -17.03 4.51 31.42
CA CYS A 245 -18.35 4.53 30.78
C CYS A 245 -18.71 5.87 30.21
N ARG A 246 -18.22 6.97 30.81
CA ARG A 246 -18.45 8.27 30.23
C ARG A 246 -17.71 8.41 28.86
N ARG A 247 -16.49 7.91 28.83
CA ARG A 247 -15.76 7.92 27.57
C ARG A 247 -16.43 7.06 26.52
N ILE A 248 -16.79 5.83 26.90
CA ILE A 248 -17.46 4.92 25.97
C ILE A 248 -18.77 5.52 25.42
N ALA A 249 -19.59 6.08 26.31
CA ALA A 249 -20.87 6.67 25.90
C ALA A 249 -20.60 7.81 24.92
N TRP A 250 -19.58 8.62 25.18
CA TRP A 250 -19.30 9.74 24.29
C TRP A 250 -19.02 9.23 22.86
N GLY A 251 -18.11 8.24 22.73
CA GLY A 251 -17.78 7.78 21.38
C GLY A 251 -18.83 6.93 20.72
N LYS A 252 -19.61 6.18 21.51
CA LYS A 252 -20.71 5.41 20.96
C LYS A 252 -21.83 6.26 20.41
N PHE A 253 -22.20 7.30 21.16
CA PHE A 253 -23.45 8.00 20.84
C PHE A 253 -23.24 9.28 20.06
N MET A 254 -21.99 9.69 19.85
CA MET A 254 -21.80 10.80 18.93
C MET A 254 -22.33 10.42 17.54
N ASN A 255 -22.80 11.41 16.81
CA ASN A 255 -23.32 11.19 15.48
C ASN A 255 -24.36 10.06 15.46
N SER A 256 -25.17 10.00 16.50
CA SER A 256 -26.16 8.90 16.66
C SER A 256 -25.59 7.53 16.31
N GLY A 257 -24.34 7.30 16.76
CA GLY A 257 -23.69 5.99 16.61
C GLY A 257 -23.07 5.73 15.26
N GLN A 258 -23.14 6.71 14.35
CA GLN A 258 -22.74 6.52 12.95
C GLN A 258 -21.29 6.90 12.69
N THR A 259 -20.40 6.16 13.34
CA THR A 259 -18.97 6.44 13.26
C THR A 259 -18.23 5.15 12.99
N CYS A 260 -17.26 5.20 12.09
CA CYS A 260 -16.53 4.01 11.68
C CYS A 260 -15.74 3.41 12.83
N VAL A 261 -15.31 4.24 13.78
CA VAL A 261 -14.56 3.70 14.91
C VAL A 261 -15.37 3.84 16.21
N ALA A 262 -16.70 3.96 16.12
CA ALA A 262 -17.51 3.88 17.33
C ALA A 262 -17.18 2.57 18.05
N PRO A 263 -17.18 2.58 19.40
CA PRO A 263 -17.10 1.28 20.07
C PRO A 263 -18.41 0.56 19.84
N ASP A 264 -18.38 -0.50 19.03
CA ASP A 264 -19.64 -1.09 18.51
C ASP A 264 -20.35 -1.87 19.59
N TYR A 265 -19.60 -2.69 20.35
CA TYR A 265 -20.18 -3.53 21.42
C TYR A 265 -19.20 -3.61 22.53
N ILE A 266 -19.70 -3.96 23.71
CA ILE A 266 -18.84 -4.15 24.90
C ILE A 266 -18.68 -5.60 25.23
N LEU A 267 -17.45 -5.98 25.60
CA LEU A 267 -17.15 -7.31 26.23
C LEU A 267 -16.79 -7.05 27.67
N CYS A 268 -17.44 -7.73 28.61
CA CYS A 268 -17.09 -7.52 30.02
C CYS A 268 -17.39 -8.77 30.83
N ASP A 269 -16.77 -8.85 32.01
CA ASP A 269 -17.11 -9.92 32.95
C ASP A 269 -18.60 -9.74 33.38
N PRO A 270 -19.33 -10.85 33.60
CA PRO A 270 -20.71 -10.73 34.01
C PRO A 270 -20.87 -9.92 35.29
N SER A 271 -19.85 -9.92 36.15
CA SER A 271 -19.93 -9.24 37.46
C SER A 271 -20.02 -7.71 37.41
N ILE A 272 -19.67 -7.13 36.26
CA ILE A 272 -19.71 -5.66 36.15
C ILE A 272 -20.76 -5.18 35.17
N GLN A 273 -21.53 -6.11 34.59
CA GLN A 273 -22.53 -5.72 33.57
C GLN A 273 -23.53 -4.68 34.08
N ASN A 274 -24.08 -4.87 35.27
CA ASN A 274 -25.04 -3.91 35.77
C ASN A 274 -24.41 -2.57 36.14
N GLN A 275 -23.15 -2.58 36.55
CA GLN A 275 -22.47 -1.33 36.86
C GLN A 275 -22.29 -0.57 35.56
N ILE A 276 -21.90 -1.30 34.52
CA ILE A 276 -21.73 -0.64 33.18
C ILE A 276 -23.04 -0.02 32.71
N VAL A 277 -24.14 -0.75 32.84
CA VAL A 277 -25.45 -0.21 32.43
C VAL A 277 -25.77 1.06 33.20
N GLU A 278 -25.54 1.04 34.52
CA GLU A 278 -25.90 2.15 35.34
C GLU A 278 -25.08 3.38 35.00
N LYS A 279 -23.79 3.19 34.76
CA LYS A 279 -22.91 4.34 34.49
C LYS A 279 -23.11 4.90 33.07
N LEU A 280 -23.33 4.03 32.11
CA LEU A 280 -23.74 4.47 30.76
C LEU A 280 -25.01 5.30 30.83
N LYS A 281 -26.03 4.83 31.57
CA LYS A 281 -27.29 5.60 31.68
C LYS A 281 -27.04 6.98 32.29
N LYS A 282 -26.28 7.01 33.38
CA LYS A 282 -25.94 8.28 34.02
C LYS A 282 -25.30 9.25 33.04
N SER A 283 -24.33 8.78 32.28
CA SER A 283 -23.65 9.67 31.32
C SER A 283 -24.60 10.10 30.21
N LEU A 284 -25.40 9.16 29.67
CA LEU A 284 -26.37 9.51 28.61
C LEU A 284 -27.31 10.61 29.09
N LYS A 285 -27.74 10.56 30.35
CA LYS A 285 -28.67 11.57 30.84
C LYS A 285 -27.93 12.93 31.02
N GLU A 286 -26.67 12.88 31.44
CA GLU A 286 -25.85 14.12 31.53
C GLU A 286 -25.73 14.73 30.15
N PHE A 287 -25.46 13.90 29.15
CA PHE A 287 -25.20 14.38 27.81
C PHE A 287 -26.45 14.93 27.13
N TYR A 288 -27.56 14.15 27.20
CA TYR A 288 -28.70 14.41 26.31
C TYR A 288 -30.03 14.61 27.00
N GLY A 289 -30.00 14.57 28.34
CA GLY A 289 -31.24 14.72 29.10
C GLY A 289 -32.09 13.49 29.19
N GLU A 290 -33.26 13.66 29.77
CA GLU A 290 -34.19 12.52 29.94
C GLU A 290 -34.74 12.01 28.60
N ASP A 291 -35.05 12.96 27.71
CA ASP A 291 -35.53 12.65 26.39
C ASP A 291 -34.54 13.15 25.34
N ALA A 292 -33.72 12.24 24.83
CA ALA A 292 -32.64 12.61 23.90
C ALA A 292 -33.18 13.22 22.62
N LYS A 293 -34.46 12.99 22.32
CA LYS A 293 -35.05 13.58 21.12
C LYS A 293 -35.07 15.11 21.22
N LYS A 294 -35.08 15.65 22.43
CA LYS A 294 -35.07 17.11 22.59
C LYS A 294 -33.67 17.69 22.75
N SER A 295 -32.63 16.86 22.69
CA SER A 295 -31.26 17.38 22.81
C SER A 295 -30.71 17.90 21.47
N ARG A 296 -30.23 19.14 21.47
CA ARG A 296 -29.64 19.71 20.28
C ARG A 296 -28.36 18.97 19.85
N ASP A 297 -27.78 18.18 20.78
CA ASP A 297 -26.50 17.51 20.54
C ASP A 297 -26.60 16.08 20.06
N TYR A 298 -27.84 15.59 19.95
CA TYR A 298 -28.07 14.21 19.55
C TYR A 298 -28.41 14.15 18.08
N GLY A 299 -27.84 13.19 17.32
CA GLY A 299 -28.02 13.15 15.86
C GLY A 299 -29.25 12.36 15.44
N ARG A 300 -29.38 12.15 14.14
CA ARG A 300 -30.45 11.31 13.59
C ARG A 300 -29.86 10.37 12.54
N ILE A 301 -30.52 9.24 12.39
CA ILE A 301 -30.09 8.28 11.35
C ILE A 301 -30.21 8.88 9.96
N ILE A 302 -29.23 8.56 9.12
CA ILE A 302 -29.13 9.15 7.80
C ILE A 302 -30.34 8.93 6.87
N SER A 303 -30.95 7.74 6.92
CA SER A 303 -31.94 7.38 5.90
C SER A 303 -32.97 6.40 6.44
N ALA A 304 -34.09 6.30 5.74
CA ALA A 304 -35.16 5.40 6.14
C ALA A 304 -34.67 3.96 6.22
N ARG A 305 -33.87 3.55 5.24
CA ARG A 305 -33.39 2.16 5.17
C ARG A 305 -32.53 1.88 6.42
N HIS A 306 -31.60 2.79 6.75
CA HIS A 306 -30.78 2.56 7.95
C HIS A 306 -31.58 2.65 9.23
N PHE A 307 -32.62 3.50 9.29
CA PHE A 307 -33.44 3.59 10.47
C PHE A 307 -34.11 2.22 10.71
N GLN A 308 -34.69 1.64 9.65
CA GLN A 308 -35.38 0.34 9.75
C GLN A 308 -34.40 -0.73 10.13
N ARG A 309 -33.21 -0.63 9.57
CA ARG A 309 -32.18 -1.64 9.86
C ARG A 309 -31.77 -1.63 11.32
N VAL A 310 -31.45 -0.45 11.83
CA VAL A 310 -31.07 -0.36 13.25
C VAL A 310 -32.20 -0.73 14.21
N MET A 311 -33.42 -0.24 13.95
CA MET A 311 -34.56 -0.66 14.75
C MET A 311 -34.70 -2.19 14.74
N GLY A 312 -34.50 -2.78 13.57
CA GLY A 312 -34.61 -4.26 13.51
C GLY A 312 -33.62 -4.99 14.42
N LEU A 313 -32.42 -4.40 14.60
CA LEU A 313 -31.42 -4.98 15.49
C LEU A 313 -31.82 -4.99 16.96
N ILE A 314 -32.77 -4.15 17.36
CA ILE A 314 -33.28 -4.12 18.73
C ILE A 314 -34.31 -5.23 18.98
N GLU A 315 -35.01 -5.62 17.92
CA GLU A 315 -36.01 -6.73 18.03
C GLU A 315 -35.38 -8.02 18.58
N GLY A 316 -36.05 -8.63 19.56
CA GLY A 316 -35.55 -9.85 20.11
C GLY A 316 -34.54 -9.66 21.23
N GLN A 317 -34.19 -8.39 21.54
CA GLN A 317 -33.16 -8.10 22.54
C GLN A 317 -33.79 -7.57 23.81
N LYS A 318 -33.05 -7.72 24.91
CA LYS A 318 -33.39 -7.15 26.18
C LYS A 318 -32.88 -5.73 26.25
N VAL A 319 -33.83 -4.81 26.40
CA VAL A 319 -33.56 -3.37 26.42
C VAL A 319 -33.39 -2.90 27.84
N ALA A 320 -32.17 -2.51 28.20
CA ALA A 320 -31.95 -1.93 29.52
C ALA A 320 -32.16 -0.43 29.59
N TYR A 321 -32.21 0.22 28.44
CA TYR A 321 -32.37 1.66 28.37
C TYR A 321 -32.71 1.94 26.91
N GLY A 322 -33.66 2.85 26.68
CA GLY A 322 -33.98 3.27 25.32
C GLY A 322 -34.90 2.30 24.60
N GLY A 323 -34.55 2.00 23.34
CA GLY A 323 -35.25 1.00 22.56
C GLY A 323 -36.44 1.47 21.74
N THR A 324 -36.62 2.78 21.71
CA THR A 324 -37.73 3.40 20.96
C THR A 324 -37.20 4.30 19.86
N GLY A 325 -38.04 4.58 18.89
CA GLY A 325 -37.62 5.40 17.76
C GLY A 325 -38.78 6.19 17.19
N ASP A 326 -38.45 7.12 16.32
CA ASP A 326 -39.47 7.88 15.56
C ASP A 326 -39.10 7.78 14.08
N ALA A 327 -39.85 6.99 13.33
CA ALA A 327 -39.51 6.80 11.91
C ALA A 327 -39.53 8.07 11.09
N ALA A 328 -40.45 8.99 11.39
CA ALA A 328 -40.60 10.17 10.53
C ALA A 328 -39.36 11.01 10.52
N THR A 329 -38.73 11.20 11.69
CA THR A 329 -37.55 12.00 11.74
C THR A 329 -36.27 11.21 11.99
N ARG A 330 -36.42 9.88 11.97
CA ARG A 330 -35.26 8.98 12.05
C ARG A 330 -34.47 9.11 13.37
N TYR A 331 -35.20 9.34 14.47
CA TYR A 331 -34.64 9.34 15.81
C TYR A 331 -34.67 7.92 16.39
N ILE A 332 -33.54 7.47 16.92
CA ILE A 332 -33.45 6.25 17.69
C ILE A 332 -32.89 6.63 19.05
N ALA A 333 -33.66 6.36 20.09
CA ALA A 333 -33.24 6.67 21.47
C ALA A 333 -31.95 5.93 21.79
N PRO A 334 -31.03 6.57 22.51
CA PRO A 334 -29.80 5.84 22.96
C PRO A 334 -30.22 4.54 23.70
N THR A 335 -29.73 3.40 23.23
CA THR A 335 -30.23 2.13 23.63
C THR A 335 -29.08 1.25 24.12
N ILE A 336 -29.32 0.56 25.24
CA ILE A 336 -28.33 -0.36 25.80
C ILE A 336 -29.02 -1.72 25.90
N LEU A 337 -28.34 -2.76 25.42
CA LEU A 337 -28.89 -4.13 25.44
C LEU A 337 -28.00 -5.00 26.30
N THR A 338 -28.62 -5.85 27.10
CA THR A 338 -27.89 -6.70 28.02
C THR A 338 -27.94 -8.18 27.65
N ASP A 339 -26.95 -8.90 28.18
CA ASP A 339 -26.83 -10.36 28.01
C ASP A 339 -27.03 -10.76 26.56
N VAL A 340 -26.33 -10.06 25.66
CA VAL A 340 -26.62 -10.27 24.26
C VAL A 340 -26.00 -11.59 23.71
N ASP A 341 -26.76 -12.32 22.93
CA ASP A 341 -26.32 -13.52 22.26
C ASP A 341 -25.41 -13.13 21.09
N PRO A 342 -24.14 -13.57 21.11
CA PRO A 342 -23.22 -13.21 20.00
C PRO A 342 -23.69 -13.69 18.62
N GLN A 343 -24.64 -14.62 18.56
CA GLN A 343 -25.14 -15.11 17.26
C GLN A 343 -26.32 -14.28 16.75
N SER A 344 -26.81 -13.33 17.56
CA SER A 344 -28.05 -12.62 17.19
C SER A 344 -27.73 -11.46 16.23
N PRO A 345 -28.73 -10.90 15.58
CA PRO A 345 -28.42 -9.93 14.51
C PRO A 345 -27.58 -8.76 14.92
N VAL A 346 -27.82 -8.21 16.11
CA VAL A 346 -27.08 -6.99 16.50
C VAL A 346 -25.58 -7.32 16.69
N MET A 347 -25.26 -8.60 16.87
CA MET A 347 -23.88 -9.05 17.02
C MET A 347 -23.33 -9.70 15.76
N GLN A 348 -24.04 -9.55 14.64
CA GLN A 348 -23.62 -10.16 13.37
C GLN A 348 -23.48 -9.14 12.23
N GLU A 349 -23.64 -7.85 12.53
CA GLU A 349 -23.29 -6.79 11.58
C GLU A 349 -22.85 -5.54 12.31
N GLU A 350 -22.15 -4.67 11.59
CA GLU A 350 -21.74 -3.38 12.13
C GLU A 350 -23.00 -2.58 12.41
N ILE A 351 -23.14 -2.12 13.64
CA ILE A 351 -24.41 -1.53 14.06
C ILE A 351 -24.61 -0.17 13.38
N PHE A 352 -23.61 0.71 13.49
CA PHE A 352 -23.72 2.05 12.89
C PHE A 352 -24.99 2.75 13.38
N GLY A 353 -25.22 2.67 14.70
CA GLY A 353 -26.38 3.32 15.25
C GLY A 353 -26.29 3.30 16.75
N PRO A 354 -27.24 3.92 17.45
CA PRO A 354 -27.13 4.20 18.89
C PRO A 354 -27.70 3.06 19.74
N VAL A 355 -27.14 1.88 19.47
CA VAL A 355 -27.61 0.63 20.08
C VAL A 355 -26.34 -0.05 20.54
N LEU A 356 -26.19 -0.17 21.85
CA LEU A 356 -24.94 -0.68 22.41
C LEU A 356 -25.17 -2.03 23.13
N PRO A 357 -24.76 -3.13 22.49
CA PRO A 357 -24.92 -4.46 23.15
C PRO A 357 -23.78 -4.80 24.07
N ILE A 358 -24.12 -5.43 25.19
CA ILE A 358 -23.15 -5.95 26.16
C ILE A 358 -23.11 -7.47 26.08
N VAL A 359 -21.92 -7.98 25.74
CA VAL A 359 -21.69 -9.43 25.69
C VAL A 359 -20.77 -9.86 26.83
N CYS A 360 -21.20 -10.87 27.57
CA CYS A 360 -20.42 -11.32 28.73
C CYS A 360 -19.34 -12.30 28.31
N VAL A 361 -18.17 -12.10 28.90
CA VAL A 361 -17.03 -13.02 28.76
C VAL A 361 -16.43 -13.26 30.14
N ARG A 362 -15.85 -14.43 30.31
CA ARG A 362 -15.42 -14.81 31.66
C ARG A 362 -13.97 -14.58 31.99
N SER A 363 -13.19 -14.14 31.01
CA SER A 363 -11.78 -13.81 31.25
C SER A 363 -11.29 -12.97 30.10
N LEU A 364 -10.15 -12.32 30.33
CA LEU A 364 -9.36 -11.70 29.26
C LEU A 364 -9.09 -12.66 28.10
N GLU A 365 -8.72 -13.91 28.42
CA GLU A 365 -8.35 -14.89 27.42
C GLU A 365 -9.56 -15.16 26.51
N GLU A 366 -10.76 -15.26 27.12
CA GLU A 366 -11.97 -15.50 26.35
C GLU A 366 -12.28 -14.29 25.47
N ALA A 367 -12.07 -13.11 26.00
CA ALA A 367 -12.28 -11.88 25.19
C ALA A 367 -11.35 -11.85 23.98
N ILE A 368 -10.09 -12.19 24.19
CA ILE A 368 -9.14 -12.21 23.10
C ILE A 368 -9.56 -13.25 22.04
N GLN A 369 -9.96 -14.44 22.48
CA GLN A 369 -10.44 -15.47 21.56
C GLN A 369 -11.63 -14.96 20.74
N PHE A 370 -12.55 -14.31 21.44
CA PHE A 370 -13.79 -13.77 20.83
C PHE A 370 -13.43 -12.80 19.68
N ILE A 371 -12.53 -11.88 19.99
CA ILE A 371 -12.09 -10.88 19.00
C ILE A 371 -11.40 -11.53 17.82
N ASN A 372 -10.48 -12.47 18.10
CA ASN A 372 -9.72 -13.12 17.05
C ASN A 372 -10.54 -14.05 16.15
N GLN A 373 -11.67 -14.57 16.65
CA GLN A 373 -12.49 -15.46 15.83
C GLN A 373 -13.32 -14.67 14.80
N ARG A 374 -13.44 -13.37 15.02
CA ARG A 374 -14.17 -12.50 14.11
C ARG A 374 -13.20 -11.78 13.16
N GLU A 375 -13.74 -11.08 12.16
CA GLU A 375 -12.92 -10.30 11.23
C GLU A 375 -12.19 -9.15 11.93
N LYS A 376 -11.04 -8.76 11.41
CA LYS A 376 -10.19 -7.71 12.03
C LYS A 376 -10.85 -6.34 12.02
N PRO A 377 -11.09 -5.75 13.20
CA PRO A 377 -11.89 -4.50 13.24
C PRO A 377 -11.06 -3.28 12.93
N LEU A 378 -11.72 -2.22 12.51
CA LEU A 378 -11.02 -0.98 12.23
C LEU A 378 -10.38 -0.42 13.47
N ALA A 379 -11.02 -0.51 14.61
CA ALA A 379 -10.46 -0.12 15.91
C ALA A 379 -10.71 -1.22 16.90
N LEU A 380 -9.79 -1.35 17.87
CA LEU A 380 -10.07 -2.18 19.04
C LEU A 380 -9.85 -1.30 20.26
N TYR A 381 -10.79 -1.35 21.21
CA TYR A 381 -10.70 -0.59 22.44
C TYR A 381 -10.64 -1.48 23.69
N MET A 382 -9.91 -1.01 24.67
CA MET A 382 -9.84 -1.70 25.97
C MET A 382 -9.74 -0.68 27.05
N PHE A 383 -10.48 -0.92 28.13
CA PHE A 383 -10.39 -0.09 29.32
C PHE A 383 -9.88 -0.93 30.46
N SER A 384 -8.76 -0.48 31.00
CA SER A 384 -8.10 -1.20 32.11
C SER A 384 -7.09 -0.28 32.79
N SER A 385 -6.94 -0.41 34.11
CA SER A 385 -5.83 0.30 34.76
C SER A 385 -4.59 -0.58 34.90
N ASN A 386 -4.59 -1.73 34.24
CA ASN A 386 -3.47 -2.66 34.26
C ASN A 386 -2.73 -2.62 32.93
N ASP A 387 -1.54 -2.04 32.94
CA ASP A 387 -0.84 -1.87 31.67
C ASP A 387 -0.51 -3.24 31.03
N LYS A 388 -0.36 -4.28 31.84
CA LYS A 388 -0.07 -5.61 31.31
C LYS A 388 -1.23 -6.25 30.56
N VAL A 389 -2.45 -5.91 30.99
CA VAL A 389 -3.65 -6.39 30.35
C VAL A 389 -3.72 -5.75 28.99
N ILE A 390 -3.47 -4.45 28.96
CA ILE A 390 -3.48 -3.70 27.70
C ILE A 390 -2.46 -4.30 26.70
N LYS A 391 -1.23 -4.50 27.19
CA LYS A 391 -0.20 -5.00 26.29
C LYS A 391 -0.49 -6.39 25.79
N LYS A 392 -1.04 -7.25 26.65
CA LYS A 392 -1.42 -8.60 26.24
C LYS A 392 -2.51 -8.61 25.16
N MET A 393 -3.57 -7.84 25.39
CA MET A 393 -4.63 -7.80 24.43
C MET A 393 -4.10 -7.26 23.09
N ILE A 394 -3.30 -6.17 23.14
CA ILE A 394 -2.71 -5.69 21.85
C ILE A 394 -1.85 -6.79 21.18
N ALA A 395 -1.00 -7.45 21.98
CA ALA A 395 -0.03 -8.40 21.44
C ALA A 395 -0.72 -9.58 20.77
N GLU A 396 -1.91 -9.93 21.22
CA GLU A 396 -2.54 -11.19 20.77
C GLU A 396 -3.70 -11.01 19.78
N THR A 397 -4.02 -9.76 19.44
CA THR A 397 -5.10 -9.44 18.51
C THR A 397 -4.54 -8.65 17.32
N SER A 398 -5.41 -8.35 16.35
CA SER A 398 -5.00 -7.49 15.24
C SER A 398 -6.20 -6.62 14.90
N SER A 399 -5.95 -5.32 14.72
CA SER A 399 -7.04 -4.37 14.36
C SER A 399 -6.35 -3.24 13.62
N GLY A 400 -7.17 -2.40 12.97
CA GLY A 400 -6.63 -1.24 12.25
C GLY A 400 -5.78 -0.39 13.17
N GLY A 401 -6.41 0.13 14.21
CA GLY A 401 -5.73 0.86 15.28
C GLY A 401 -6.28 0.48 16.63
N VAL A 402 -5.70 1.05 17.69
CA VAL A 402 -6.09 0.71 19.08
C VAL A 402 -6.13 1.97 19.91
N ALA A 403 -7.17 2.10 20.74
CA ALA A 403 -7.11 3.08 21.84
C ALA A 403 -7.32 2.34 23.15
N ALA A 404 -6.45 2.55 24.15
CA ALA A 404 -6.69 2.04 25.50
C ALA A 404 -7.11 3.18 26.39
N ASN A 405 -8.26 2.98 27.05
CA ASN A 405 -8.83 3.95 28.01
C ASN A 405 -9.41 5.21 27.39
N ASP A 406 -9.62 5.15 26.09
CA ASP A 406 -10.46 6.16 25.41
C ASP A 406 -10.97 5.54 24.13
N VAL A 407 -11.84 6.30 23.44
CA VAL A 407 -12.36 5.91 22.12
C VAL A 407 -12.22 7.08 21.18
N ILE A 408 -12.22 6.78 19.88
CA ILE A 408 -12.22 7.77 18.81
C ILE A 408 -10.91 8.54 18.61
N VAL A 409 -10.32 8.99 19.71
CA VAL A 409 -9.26 10.01 19.65
C VAL A 409 -8.07 9.58 18.83
N HIS A 410 -7.79 8.29 18.77
CA HIS A 410 -6.55 7.89 18.08
C HIS A 410 -6.55 8.15 16.58
N ILE A 411 -7.72 8.38 15.98
CA ILE A 411 -7.80 8.60 14.51
C ILE A 411 -7.76 10.08 14.18
N THR A 412 -7.52 10.91 15.18
CA THR A 412 -7.55 12.37 15.01
C THR A 412 -6.15 12.97 15.13
N LEU A 413 -5.13 12.14 15.36
CA LEU A 413 -3.79 12.64 15.68
C LEU A 413 -2.88 12.61 14.46
N HIS A 414 -2.13 13.68 14.25
CA HIS A 414 -1.30 13.74 13.04
C HIS A 414 -0.28 12.62 12.93
N SER A 415 0.17 12.10 14.08
CA SER A 415 1.32 11.19 14.12
C SER A 415 0.87 9.74 14.09
N LEU A 416 -0.45 9.49 14.04
CA LEU A 416 -0.94 8.10 14.06
C LEU A 416 -1.69 7.81 12.77
N PRO A 417 -1.05 7.16 11.78
CA PRO A 417 -1.75 6.84 10.51
C PRO A 417 -3.07 6.12 10.80
N PHE A 418 -4.08 6.46 10.01
CA PHE A 418 -5.42 5.91 10.22
C PHE A 418 -5.81 4.99 9.10
N GLY A 419 -6.05 3.71 9.47
CA GLY A 419 -6.50 2.75 8.48
C GLY A 419 -6.78 1.40 9.12
N GLY A 420 -7.25 0.50 8.25
CA GLY A 420 -7.72 -0.80 8.72
C GLY A 420 -6.71 -1.90 8.40
N VAL A 421 -7.18 -3.14 8.64
CA VAL A 421 -6.46 -4.33 8.25
C VAL A 421 -7.48 -5.41 7.97
N GLY A 422 -7.16 -6.26 7.01
CA GLY A 422 -8.13 -7.31 6.68
C GLY A 422 -9.43 -6.71 6.21
N ASN A 423 -10.54 -7.15 6.76
CA ASN A 423 -11.85 -6.70 6.22
C ASN A 423 -12.11 -5.24 6.59
N SER A 424 -11.38 -4.66 7.54
CA SER A 424 -11.52 -3.24 7.83
C SER A 424 -10.74 -2.32 6.86
N GLY A 425 -9.98 -2.93 5.94
CA GLY A 425 -9.34 -2.16 4.85
C GLY A 425 -7.85 -2.31 4.73
N MET A 426 -7.29 -1.48 3.87
CA MET A 426 -5.85 -1.57 3.52
C MET A 426 -5.39 -0.15 3.20
N GLY A 427 -4.15 0.14 3.50
CA GLY A 427 -3.57 1.48 3.36
C GLY A 427 -3.98 2.35 4.52
N SER A 428 -3.53 3.59 4.50
CA SER A 428 -3.77 4.54 5.60
C SER A 428 -3.50 5.96 5.13
N TYR A 429 -4.01 6.93 5.90
CA TYR A 429 -3.70 8.34 5.63
C TYR A 429 -3.80 9.10 6.94
N HIS A 430 -3.70 10.43 6.78
CA HIS A 430 -3.56 11.45 7.82
C HIS A 430 -2.11 11.88 7.94
N GLY A 431 -1.94 13.20 7.98
CA GLY A 431 -0.63 13.81 8.15
C GLY A 431 0.39 13.40 7.10
N LYS A 432 1.62 13.09 7.57
CA LYS A 432 2.66 12.73 6.61
C LYS A 432 2.23 11.51 5.78
N LYS A 433 1.51 10.57 6.40
CA LYS A 433 1.08 9.38 5.70
C LYS A 433 0.17 9.70 4.50
N SER A 434 -0.60 10.80 4.58
CA SER A 434 -1.36 11.22 3.42
C SER A 434 -0.44 11.62 2.27
N PHE A 435 0.60 12.38 2.59
CA PHE A 435 1.50 12.77 1.52
C PHE A 435 2.13 11.52 0.89
N GLU A 436 2.54 10.55 1.73
CA GLU A 436 3.17 9.33 1.17
C GLU A 436 2.17 8.51 0.37
N THR A 437 0.95 8.37 0.88
CA THR A 437 -0.04 7.56 0.21
C THR A 437 -0.38 8.03 -1.19
N PHE A 438 -0.36 9.35 -1.37
CA PHE A 438 -0.77 9.94 -2.63
C PHE A 438 0.41 10.30 -3.50
N SER A 439 1.59 9.85 -3.10
CA SER A 439 2.82 9.99 -3.91
C SER A 439 3.32 8.64 -4.36
N HIS A 440 4.13 8.66 -5.42
CA HIS A 440 5.02 7.53 -5.66
C HIS A 440 6.36 7.89 -5.08
N ARG A 441 6.87 7.01 -4.25
CA ARG A 441 8.23 7.17 -3.64
C ARG A 441 9.23 6.37 -4.46
N ARG A 442 10.07 7.11 -5.18
CA ARG A 442 10.86 6.55 -6.28
C ARG A 442 12.30 6.46 -5.82
N SER A 443 12.81 5.23 -5.76
CA SER A 443 14.22 5.03 -5.42
C SER A 443 15.15 5.49 -6.54
N CYS A 444 16.17 6.27 -6.14
CA CYS A 444 17.09 6.90 -7.10
C CYS A 444 18.55 6.66 -6.76
N LEU A 445 19.28 6.14 -7.75
CA LEU A 445 20.73 5.97 -7.62
C LEU A 445 21.42 6.81 -8.69
N VAL A 446 22.26 7.73 -8.25
CA VAL A 446 23.00 8.58 -9.22
C VAL A 446 24.52 8.34 -9.07
N ARG A 447 25.14 7.78 -10.10
CA ARG A 447 26.56 7.42 -10.10
C ARG A 447 27.35 8.38 -10.98
N PRO A 448 28.61 8.61 -10.61
CA PRO A 448 29.52 9.31 -11.56
C PRO A 448 29.74 8.48 -12.83
N LEU A 449 29.80 9.14 -13.98
CA LEU A 449 30.12 8.45 -15.24
C LEU A 449 31.63 8.47 -15.47
N MET A 450 32.35 7.84 -14.53
CA MET A 450 33.81 7.81 -14.51
C MET A 450 34.21 6.37 -14.34
N ASN A 451 35.12 5.89 -15.19
CA ASN A 451 35.68 4.56 -15.01
C ASN A 451 35.97 4.28 -13.55
N ASP A 452 35.45 3.14 -13.07
CA ASP A 452 35.73 2.68 -11.73
C ASP A 452 36.29 1.25 -11.78
N GLU A 453 37.41 1.04 -11.09
CA GLU A 453 38.08 -0.27 -11.04
C GLU A 453 37.41 -1.26 -10.09
N GLY A 454 36.70 -0.74 -9.11
CA GLY A 454 35.97 -1.57 -8.15
C GLY A 454 34.79 -2.26 -8.81
N LEU A 455 34.31 -1.68 -9.91
CA LEU A 455 33.20 -2.25 -10.67
C LEU A 455 33.59 -3.37 -11.63
N LYS A 456 34.86 -3.41 -12.08
CA LYS A 456 35.25 -4.31 -13.17
C LYS A 456 35.06 -5.81 -12.87
N VAL A 457 35.10 -6.18 -11.60
CA VAL A 457 34.85 -7.55 -11.15
C VAL A 457 33.48 -8.10 -11.61
N ARG A 458 32.52 -7.20 -11.85
CA ARG A 458 31.18 -7.62 -12.23
C ARG A 458 31.03 -8.05 -13.69
N TYR A 459 31.95 -7.60 -14.55
CA TYR A 459 31.79 -7.81 -15.98
C TYR A 459 32.33 -9.18 -16.41
N PRO A 460 31.66 -9.84 -17.40
CA PRO A 460 32.28 -11.07 -17.89
C PRO A 460 33.56 -10.70 -18.65
N PRO A 461 34.46 -11.68 -18.84
CA PRO A 461 34.36 -13.07 -18.40
C PRO A 461 34.50 -13.25 -16.90
N SER A 462 33.75 -14.21 -16.36
CA SER A 462 33.84 -14.50 -14.94
C SER A 462 35.16 -15.21 -14.68
N PRO A 463 35.67 -15.10 -13.44
CA PRO A 463 36.88 -15.82 -13.08
C PRO A 463 36.60 -17.28 -12.83
N ALA A 464 37.56 -18.14 -13.19
CA ALA A 464 37.54 -19.57 -12.87
C ALA A 464 37.85 -19.80 -11.39
N SER B 18 -8.39 -30.78 -1.33
CA SER B 18 -7.23 -30.82 -2.25
C SER B 18 -5.89 -30.65 -1.54
N LYS B 19 -4.80 -30.99 -2.25
CA LYS B 19 -3.42 -30.72 -1.80
C LYS B 19 -3.18 -29.23 -1.49
N ILE B 20 -3.68 -28.36 -2.37
CA ILE B 20 -3.56 -26.93 -2.16
C ILE B 20 -4.31 -26.49 -0.91
N SER B 21 -5.58 -26.89 -0.77
CA SER B 21 -6.36 -26.45 0.39
C SER B 21 -5.76 -26.93 1.70
N GLU B 22 -5.24 -28.16 1.72
CA GLU B 22 -4.61 -28.67 2.93
C GLU B 22 -3.32 -27.92 3.32
N ALA B 23 -2.50 -27.56 2.35
CA ALA B 23 -1.24 -26.82 2.59
C ALA B 23 -1.55 -25.46 3.20
N VAL B 24 -2.55 -24.78 2.64
CA VAL B 24 -2.90 -23.49 3.22
C VAL B 24 -3.52 -23.62 4.62
N LYS B 25 -4.39 -24.63 4.80
CA LYS B 25 -5.00 -24.91 6.08
C LYS B 25 -3.93 -25.17 7.18
N ARG B 26 -2.92 -25.98 6.86
CA ARG B 26 -1.84 -26.25 7.82
C ARG B 26 -1.04 -24.99 8.14
N ALA B 27 -0.79 -24.15 7.15
CA ALA B 27 -0.03 -22.91 7.37
C ALA B 27 -0.81 -21.95 8.25
N ARG B 28 -2.11 -21.84 7.98
CA ARG B 28 -2.93 -20.98 8.78
C ARG B 28 -3.00 -21.49 10.23
N ALA B 29 -3.17 -22.80 10.41
CA ALA B 29 -3.22 -23.32 11.76
C ALA B 29 -1.92 -23.13 12.53
N ALA B 30 -0.80 -23.32 11.85
CA ALA B 30 0.51 -23.10 12.46
C ALA B 30 0.72 -21.62 12.82
N PHE B 31 0.29 -20.73 11.92
CA PHE B 31 0.33 -19.32 12.29
C PHE B 31 -0.52 -19.02 13.53
N SER B 32 -1.73 -19.57 13.55
CA SER B 32 -2.64 -19.30 14.67
C SER B 32 -2.13 -19.85 16.00
N SER B 33 -1.21 -20.83 15.96
CA SER B 33 -0.62 -21.44 17.17
C SER B 33 0.31 -20.47 17.90
N GLY B 34 0.72 -19.39 17.24
CA GLY B 34 1.58 -18.39 17.86
C GLY B 34 3.07 -18.64 17.66
N ARG B 35 3.44 -19.71 16.95
CA ARG B 35 4.86 -20.12 16.86
C ARG B 35 5.74 -19.10 16.16
N THR B 36 5.16 -18.31 15.26
CA THR B 36 5.99 -17.36 14.53
C THR B 36 6.20 -16.05 15.25
N ARG B 37 5.52 -15.83 16.39
CA ARG B 37 5.53 -14.51 17.00
C ARG B 37 6.89 -14.16 17.64
N PRO B 38 7.53 -15.09 18.39
CA PRO B 38 8.84 -14.75 18.94
C PRO B 38 9.93 -14.54 17.90
N LEU B 39 10.73 -13.51 18.12
CA LEU B 39 11.79 -13.21 17.18
C LEU B 39 12.75 -14.36 17.08
N GLN B 40 12.92 -15.09 18.18
CA GLN B 40 13.88 -16.22 18.19
C GLN B 40 13.54 -17.24 17.09
N PHE B 41 12.24 -17.49 16.92
CA PHE B 41 11.81 -18.45 15.93
C PHE B 41 12.08 -17.92 14.51
N ARG B 42 11.74 -16.67 14.28
CA ARG B 42 11.98 -16.05 12.97
C ARG B 42 13.45 -16.11 12.55
N ILE B 43 14.31 -15.75 13.49
CA ILE B 43 15.76 -15.77 13.25
C ILE B 43 16.26 -17.19 12.95
N GLN B 44 15.75 -18.18 13.70
CA GLN B 44 16.06 -19.59 13.43
C GLN B 44 15.70 -19.98 12.00
N GLN B 45 14.50 -19.58 11.56
CA GLN B 45 14.08 -19.90 10.20
C GLN B 45 14.95 -19.24 9.15
N LEU B 46 15.31 -17.98 9.41
CA LEU B 46 16.20 -17.25 8.51
C LEU B 46 17.60 -17.86 8.46
N GLU B 47 18.09 -18.29 9.62
CA GLU B 47 19.36 -18.99 9.70
C GLU B 47 19.30 -20.35 8.99
N ALA B 48 18.12 -20.99 9.02
CA ALA B 48 17.91 -22.21 8.24
C ALA B 48 17.99 -21.97 6.74
N LEU B 49 17.51 -20.81 6.26
CA LEU B 49 17.70 -20.47 4.85
C LEU B 49 19.16 -20.19 4.50
N GLN B 50 19.90 -19.53 5.41
CA GLN B 50 21.34 -19.35 5.19
C GLN B 50 22.04 -20.71 5.06
N ARG B 51 21.69 -21.68 5.89
CA ARG B 51 22.24 -23.05 5.82
C ARG B 51 21.86 -23.74 4.50
N LEU B 52 20.62 -23.53 4.07
CA LEU B 52 20.14 -24.09 2.81
C LEU B 52 21.03 -23.58 1.70
N ILE B 53 21.28 -22.27 1.69
CA ILE B 53 22.05 -21.67 0.61
C ILE B 53 23.48 -22.22 0.59
N GLN B 54 24.07 -22.37 1.76
CA GLN B 54 25.41 -22.95 1.91
C GLN B 54 25.49 -24.42 1.51
N GLU B 55 24.61 -25.25 2.07
CA GLU B 55 24.64 -26.70 1.88
C GLU B 55 24.20 -27.11 0.49
N GLN B 56 23.35 -26.28 -0.12
CA GLN B 56 22.76 -26.60 -1.41
C GLN B 56 23.37 -25.78 -2.55
N GLU B 57 24.55 -25.22 -2.33
CA GLU B 57 25.21 -24.35 -3.31
C GLU B 57 25.29 -25.01 -4.71
N GLN B 58 25.79 -26.24 -4.75
CA GLN B 58 25.96 -26.94 -6.02
C GLN B 58 24.64 -27.30 -6.69
N GLU B 59 23.66 -27.71 -5.90
CA GLU B 59 22.34 -28.06 -6.41
C GLU B 59 21.65 -26.82 -7.01
N LEU B 60 21.82 -25.67 -6.34
CA LEU B 60 21.31 -24.40 -6.89
C LEU B 60 21.94 -24.00 -8.20
N VAL B 61 23.27 -24.10 -8.29
CA VAL B 61 24.00 -23.81 -9.54
C VAL B 61 23.52 -24.79 -10.60
N GLY B 62 23.38 -26.06 -10.24
CA GLY B 62 22.93 -27.07 -11.19
C GLY B 62 21.57 -26.74 -11.77
N ALA B 63 20.63 -26.33 -10.90
CA ALA B 63 19.29 -25.94 -11.37
C ALA B 63 19.25 -24.71 -12.29
N LEU B 64 19.99 -23.67 -11.92
CA LEU B 64 20.11 -22.45 -12.72
C LEU B 64 20.84 -22.73 -14.05
N ALA B 65 21.83 -23.63 -14.01
CA ALA B 65 22.51 -24.04 -15.24
C ALA B 65 21.51 -24.72 -16.20
N ALA B 66 20.67 -25.62 -15.67
CA ALA B 66 19.75 -26.36 -16.51
C ALA B 66 18.60 -25.47 -17.01
N ASP B 67 18.14 -24.57 -16.15
CA ASP B 67 17.03 -23.69 -16.53
C ASP B 67 17.41 -22.55 -17.47
N LEU B 68 18.57 -21.93 -17.21
CA LEU B 68 18.90 -20.63 -17.81
C LEU B 68 20.30 -20.52 -18.38
N HIS B 69 21.04 -21.62 -18.33
CA HIS B 69 22.46 -21.65 -18.76
C HIS B 69 23.29 -20.65 -17.95
N LYS B 70 22.99 -20.57 -16.65
CA LYS B 70 23.81 -19.87 -15.69
C LYS B 70 25.00 -20.76 -15.28
N ASN B 71 26.05 -20.16 -14.72
CA ASN B 71 27.23 -20.88 -14.24
C ASN B 71 27.41 -20.62 -12.76
N GLU B 72 28.43 -21.22 -12.13
CA GLU B 72 28.61 -21.12 -10.69
C GLU B 72 28.85 -19.68 -10.24
N TRP B 73 29.47 -18.86 -11.08
CA TRP B 73 29.80 -17.50 -10.69
C TRP B 73 28.55 -16.62 -10.77
N ASN B 74 27.88 -16.59 -11.93
CA ASN B 74 26.69 -15.72 -12.02
C ASN B 74 25.46 -16.22 -11.25
N ALA B 75 25.39 -17.54 -11.01
CA ALA B 75 24.35 -18.05 -10.12
C ALA B 75 24.44 -17.34 -8.76
N TYR B 76 25.66 -17.17 -8.29
CA TYR B 76 25.89 -16.56 -7.00
C TYR B 76 25.87 -15.02 -7.07
N TYR B 77 26.70 -14.42 -7.92
CA TYR B 77 26.89 -12.96 -7.86
C TYR B 77 25.84 -12.16 -8.60
N GLU B 78 25.00 -12.83 -9.37
CA GLU B 78 23.90 -12.12 -10.02
C GLU B 78 22.55 -12.54 -9.44
N GLU B 79 22.54 -13.39 -8.41
CA GLU B 79 21.27 -13.86 -7.87
C GLU B 79 21.27 -14.26 -6.39
N VAL B 80 21.99 -15.34 -6.06
CA VAL B 80 21.95 -15.94 -4.73
C VAL B 80 22.52 -15.06 -3.63
N VAL B 81 23.60 -14.33 -3.95
CA VAL B 81 24.24 -13.45 -2.99
C VAL B 81 23.24 -12.42 -2.41
N TYR B 82 22.31 -11.95 -3.23
CA TYR B 82 21.40 -10.91 -2.77
C TYR B 82 20.42 -11.47 -1.78
N VAL B 83 20.14 -12.77 -1.84
CA VAL B 83 19.28 -13.38 -0.83
C VAL B 83 20.03 -13.50 0.51
N LEU B 84 21.30 -13.89 0.42
CA LEU B 84 22.14 -13.99 1.56
C LEU B 84 22.31 -12.64 2.26
N GLU B 85 22.53 -11.59 1.47
CA GLU B 85 22.76 -10.25 2.02
C GLU B 85 21.47 -9.82 2.74
N GLU B 86 20.31 -10.10 2.13
CA GLU B 86 19.01 -9.75 2.73
C GLU B 86 18.80 -10.48 4.06
N ILE B 87 19.05 -11.79 4.09
CA ILE B 87 18.91 -12.58 5.32
C ILE B 87 19.81 -12.00 6.42
N GLU B 88 21.08 -11.74 6.09
CA GLU B 88 22.02 -11.26 7.10
C GLU B 88 21.59 -9.88 7.65
N TYR B 89 21.13 -9.02 6.76
CA TYR B 89 20.73 -7.68 7.14
C TYR B 89 19.47 -7.74 8.00
N MET B 90 18.48 -8.54 7.59
CA MET B 90 17.23 -8.59 8.35
C MET B 90 17.37 -9.24 9.70
N ILE B 91 18.20 -10.27 9.82
CA ILE B 91 18.46 -10.82 11.12
C ILE B 91 19.05 -9.74 12.05
N GLN B 92 20.04 -8.99 11.61
CA GLN B 92 20.67 -8.01 12.49
C GLN B 92 19.74 -6.86 12.94
N LYS B 93 18.79 -6.47 12.06
CA LYS B 93 17.87 -5.33 12.30
C LYS B 93 16.53 -5.70 12.93
N LEU B 94 16.20 -7.00 12.96
CA LEU B 94 14.85 -7.41 13.29
C LEU B 94 14.33 -6.87 14.62
N PRO B 95 15.11 -6.99 15.67
CA PRO B 95 14.60 -6.49 16.95
C PRO B 95 14.21 -4.99 16.89
N GLU B 96 15.02 -4.16 16.24
CA GLU B 96 14.70 -2.73 16.12
C GLU B 96 13.45 -2.55 15.30
N TRP B 97 13.38 -3.24 14.16
CA TRP B 97 12.23 -3.09 13.27
C TRP B 97 10.95 -3.55 13.94
N ALA B 98 11.02 -4.60 14.75
CA ALA B 98 9.80 -5.20 15.35
C ALA B 98 9.35 -4.43 16.59
N ALA B 99 10.21 -3.59 17.16
CA ALA B 99 9.90 -2.88 18.39
C ALA B 99 8.71 -1.94 18.16
N ASP B 100 7.90 -1.76 19.18
CA ASP B 100 6.92 -0.66 19.21
C ASP B 100 7.69 0.64 18.96
N GLU B 101 7.09 1.49 18.14
CA GLU B 101 7.74 2.72 17.68
C GLU B 101 7.01 3.96 18.19
N PRO B 102 7.53 4.60 19.25
CA PRO B 102 6.90 5.83 19.76
C PRO B 102 6.89 6.91 18.67
N VAL B 103 5.82 7.71 18.65
CA VAL B 103 5.64 8.78 17.67
C VAL B 103 5.46 10.10 18.40
N GLU B 104 5.45 11.18 17.63
CA GLU B 104 5.36 12.53 18.21
C GLU B 104 4.03 12.78 18.94
N LYS B 105 4.11 13.39 20.11
CA LYS B 105 2.94 13.78 20.88
C LYS B 105 2.43 15.21 20.55
N THR B 106 1.34 15.58 21.23
CA THR B 106 0.73 16.90 21.08
C THR B 106 0.59 17.39 22.50
N PRO B 107 0.35 18.70 22.72
CA PRO B 107 0.07 19.07 24.12
C PRO B 107 -1.07 18.28 24.76
N GLN B 108 -2.10 17.97 23.98
CA GLN B 108 -3.25 17.23 24.49
C GLN B 108 -2.95 15.76 24.79
N THR B 109 -1.88 15.22 24.19
CA THR B 109 -1.55 13.79 24.38
C THR B 109 -0.20 13.59 25.10
N GLN B 110 0.31 14.64 25.73
CA GLN B 110 1.66 14.55 26.33
C GLN B 110 1.75 13.50 27.44
N GLN B 111 0.65 13.27 28.15
CA GLN B 111 0.59 12.28 29.22
C GLN B 111 0.16 10.88 28.78
N ASP B 112 -0.06 10.74 27.48
CA ASP B 112 -0.40 9.44 26.91
C ASP B 112 0.81 8.76 26.28
N GLU B 113 0.65 7.49 25.91
CA GLU B 113 1.63 6.82 25.04
C GLU B 113 1.05 6.73 23.62
N LEU B 114 1.81 7.18 22.62
CA LEU B 114 1.45 7.07 21.22
C LEU B 114 2.51 6.26 20.52
N TYR B 115 2.16 5.18 19.83
CA TYR B 115 3.20 4.41 19.13
C TYR B 115 2.59 3.57 18.02
N ILE B 116 3.46 3.08 17.14
CA ILE B 116 3.09 2.19 16.04
C ILE B 116 3.52 0.80 16.45
N HIS B 117 2.57 -0.13 16.46
CA HIS B 117 2.80 -1.53 16.83
C HIS B 117 2.87 -2.33 15.54
N SER B 118 3.94 -3.09 15.30
CA SER B 118 4.00 -3.94 14.11
C SER B 118 3.57 -5.35 14.42
N GLU B 119 2.80 -5.95 13.53
CA GLU B 119 2.36 -7.33 13.77
C GLU B 119 2.22 -8.06 12.43
N PRO B 120 2.33 -9.38 12.39
CA PRO B 120 2.19 -10.10 11.12
C PRO B 120 0.82 -9.95 10.52
N LEU B 121 0.75 -10.16 9.20
CA LEU B 121 -0.56 -10.18 8.53
C LEU B 121 -1.23 -11.56 8.65
N GLY B 122 -0.42 -12.63 8.65
CA GLY B 122 -0.95 -14.00 8.85
C GLY B 122 -0.27 -14.95 7.88
N VAL B 123 -1.00 -15.32 6.83
CA VAL B 123 -0.45 -16.18 5.78
C VAL B 123 -0.24 -15.39 4.49
N VAL B 124 1.02 -15.31 4.09
CA VAL B 124 1.43 -14.58 2.89
C VAL B 124 1.66 -15.56 1.77
N LEU B 125 1.26 -15.20 0.56
CA LEU B 125 1.54 -15.99 -0.64
C LEU B 125 2.58 -15.24 -1.45
N VAL B 126 3.66 -15.92 -1.79
CA VAL B 126 4.68 -15.42 -2.72
C VAL B 126 4.57 -16.24 -3.98
N ILE B 127 4.28 -15.57 -5.08
CA ILE B 127 4.23 -16.20 -6.41
C ILE B 127 5.53 -15.76 -7.10
N GLY B 128 6.42 -16.72 -7.40
CA GLY B 128 7.72 -16.47 -8.03
C GLY B 128 7.63 -16.34 -9.54
N THR B 129 8.72 -15.88 -10.14
CA THR B 129 8.79 -15.87 -11.59
C THR B 129 10.04 -16.68 -11.96
N TRP B 130 10.28 -16.80 -13.26
CA TRP B 130 11.22 -17.80 -13.76
C TRP B 130 12.62 -17.28 -14.08
N ASN B 131 12.79 -15.97 -14.22
CA ASN B 131 14.05 -15.45 -14.77
C ASN B 131 15.16 -15.37 -13.74
N TYR B 132 14.80 -15.09 -12.48
CA TYR B 132 15.68 -15.27 -11.33
C TYR B 132 14.90 -16.08 -10.33
N PRO B 133 14.85 -17.40 -10.57
CA PRO B 133 13.85 -18.22 -9.91
C PRO B 133 14.22 -18.55 -8.48
N PHE B 134 15.46 -18.29 -8.08
CA PHE B 134 15.82 -18.42 -6.66
C PHE B 134 15.56 -17.07 -5.97
N ASN B 135 16.11 -16.00 -6.52
CA ASN B 135 15.99 -14.74 -5.84
C ASN B 135 14.51 -14.28 -5.73
N LEU B 136 13.76 -14.44 -6.81
CA LEU B 136 12.41 -13.88 -6.86
C LEU B 136 11.35 -14.78 -6.22
N THR B 137 11.79 -15.89 -5.63
CA THR B 137 10.96 -16.70 -4.77
C THR B 137 11.43 -16.48 -3.32
N ILE B 138 12.73 -16.59 -3.08
CA ILE B 138 13.24 -16.63 -1.71
C ILE B 138 13.46 -15.25 -1.12
N GLN B 139 13.91 -14.26 -1.90
CA GLN B 139 14.10 -12.95 -1.27
C GLN B 139 12.78 -12.35 -0.67
N PRO B 140 11.67 -12.39 -1.43
CA PRO B 140 10.36 -12.03 -0.82
C PRO B 140 10.03 -12.87 0.42
N MET B 141 10.27 -14.19 0.36
CA MET B 141 10.00 -15.04 1.50
C MET B 141 10.74 -14.61 2.73
N VAL B 142 12.00 -14.21 2.55
CA VAL B 142 12.85 -13.82 3.69
C VAL B 142 12.14 -12.67 4.47
N GLY B 143 11.64 -11.68 3.71
CA GLY B 143 10.97 -10.55 4.34
C GLY B 143 9.68 -10.97 5.06
N ALA B 144 8.94 -11.85 4.43
CA ALA B 144 7.66 -12.27 5.00
C ALA B 144 7.88 -13.12 6.27
N ILE B 145 8.93 -13.94 6.27
CA ILE B 145 9.32 -14.71 7.46
C ILE B 145 9.72 -13.78 8.59
N ALA B 146 10.55 -12.78 8.25
CA ALA B 146 11.02 -11.81 9.23
C ALA B 146 9.89 -11.05 9.91
N ALA B 147 8.82 -10.78 9.15
CA ALA B 147 7.65 -10.11 9.71
C ALA B 147 6.69 -11.04 10.47
N GLY B 148 7.03 -12.32 10.60
CA GLY B 148 6.27 -13.23 11.46
C GLY B 148 5.13 -13.96 10.80
N ASN B 149 5.18 -14.06 9.47
CA ASN B 149 4.07 -14.69 8.75
C ASN B 149 4.37 -16.13 8.44
N ALA B 150 3.32 -16.95 8.27
CA ALA B 150 3.44 -18.16 7.46
C ALA B 150 3.59 -17.72 6.01
N VAL B 151 4.30 -18.51 5.21
CA VAL B 151 4.54 -18.11 3.80
C VAL B 151 4.39 -19.30 2.89
N VAL B 152 3.39 -19.24 2.01
CA VAL B 152 3.19 -20.23 0.99
C VAL B 152 3.90 -19.79 -0.30
N LEU B 153 4.68 -20.68 -0.91
CA LEU B 153 5.44 -20.35 -2.13
C LEU B 153 4.89 -21.08 -3.33
N LYS B 154 4.71 -20.31 -4.42
CA LYS B 154 4.36 -20.88 -5.72
C LYS B 154 5.46 -20.55 -6.72
N PRO B 155 6.40 -21.45 -6.93
CA PRO B 155 7.44 -21.20 -7.93
C PRO B 155 6.87 -21.23 -9.34
N SER B 156 7.54 -20.55 -10.28
CA SER B 156 7.17 -20.66 -11.68
C SER B 156 7.64 -21.99 -12.26
N GLU B 157 6.72 -22.66 -12.96
CA GLU B 157 7.02 -23.93 -13.64
C GLU B 157 7.98 -23.78 -14.84
N LEU B 158 8.14 -22.56 -15.36
CA LEU B 158 9.02 -22.36 -16.54
C LEU B 158 10.47 -22.62 -16.20
N SER B 159 10.87 -22.25 -14.98
CA SER B 159 12.17 -22.66 -14.47
C SER B 159 11.98 -23.98 -13.72
N GLU B 160 11.87 -25.06 -14.49
CA GLU B 160 11.42 -26.35 -13.97
C GLU B 160 12.39 -26.98 -12.96
N ASN B 161 13.67 -26.82 -13.20
CA ASN B 161 14.64 -27.41 -12.31
C ASN B 161 14.65 -26.69 -10.98
N MET B 162 14.61 -25.36 -11.01
CA MET B 162 14.56 -24.63 -9.72
C MET B 162 13.23 -24.92 -9.01
N ALA B 163 12.13 -25.04 -9.76
CA ALA B 163 10.84 -25.30 -9.10
C ALA B 163 10.85 -26.64 -8.37
N SER B 164 11.37 -27.68 -9.01
CA SER B 164 11.43 -28.99 -8.38
C SER B 164 12.46 -29.03 -7.24
N LEU B 165 13.61 -28.39 -7.43
CA LEU B 165 14.59 -28.32 -6.36
C LEU B 165 13.97 -27.64 -5.12
N LEU B 166 13.30 -26.50 -5.29
CA LEU B 166 12.78 -25.79 -4.11
C LEU B 166 11.71 -26.59 -3.38
N ALA B 167 10.88 -27.33 -4.11
CA ALA B 167 9.89 -28.17 -3.45
C ALA B 167 10.54 -29.26 -2.59
N THR B 168 11.74 -29.69 -2.99
CA THR B 168 12.48 -30.70 -2.24
C THR B 168 13.18 -30.08 -1.05
N ILE B 169 13.88 -28.97 -1.26
CA ILE B 169 14.79 -28.50 -0.22
C ILE B 169 14.20 -27.54 0.78
N ILE B 170 13.19 -26.75 0.39
CA ILE B 170 12.61 -25.85 1.38
C ILE B 170 12.14 -26.60 2.64
N PRO B 171 11.35 -27.69 2.50
CA PRO B 171 10.90 -28.42 3.70
C PRO B 171 11.99 -29.18 4.47
N GLN B 172 13.16 -29.34 3.85
CA GLN B 172 14.32 -29.92 4.53
C GLN B 172 14.93 -28.99 5.52
N TYR B 173 14.75 -27.68 5.29
CA TYR B 173 15.36 -26.64 6.13
C TYR B 173 14.36 -25.85 6.98
N LEU B 174 13.20 -25.56 6.41
CA LEU B 174 12.23 -24.74 7.11
C LEU B 174 11.11 -25.55 7.72
N ASP B 175 10.39 -24.90 8.62
CA ASP B 175 9.21 -25.50 9.21
C ASP B 175 8.26 -26.02 8.13
N LYS B 176 7.82 -27.27 8.26
CA LYS B 176 7.03 -27.92 7.23
C LYS B 176 5.64 -27.32 7.06
N ASP B 177 4.95 -26.98 8.15
CA ASP B 177 3.55 -26.53 8.06
C ASP B 177 3.51 -25.04 7.66
N LEU B 178 4.46 -24.25 8.16
CA LEU B 178 4.37 -22.81 7.99
C LEU B 178 4.77 -22.36 6.60
N TYR B 179 5.64 -23.10 5.93
CA TYR B 179 6.27 -22.63 4.71
C TYR B 179 6.20 -23.63 3.57
N PRO B 180 5.00 -23.97 3.11
CA PRO B 180 4.87 -24.99 2.06
C PRO B 180 5.12 -24.46 0.68
N VAL B 181 5.56 -25.36 -0.19
CA VAL B 181 5.77 -25.12 -1.61
C VAL B 181 4.66 -25.77 -2.41
N ILE B 182 4.02 -24.98 -3.26
CA ILE B 182 2.92 -25.46 -4.11
C ILE B 182 3.44 -25.67 -5.54
N ASN B 183 3.30 -26.91 -6.02
CA ASN B 183 3.73 -27.31 -7.36
C ASN B 183 2.68 -26.99 -8.43
N GLY B 184 3.10 -26.98 -9.69
CA GLY B 184 2.17 -26.88 -10.81
C GLY B 184 2.30 -25.61 -11.63
N GLY B 185 1.38 -25.50 -12.58
CA GLY B 185 1.38 -24.36 -13.47
C GLY B 185 0.22 -23.43 -13.20
N VAL B 186 -0.31 -22.85 -14.27
CA VAL B 186 -1.36 -21.86 -14.10
C VAL B 186 -2.64 -22.41 -13.50
N PRO B 187 -3.07 -23.65 -13.85
CA PRO B 187 -4.28 -24.15 -13.20
C PRO B 187 -4.12 -24.23 -11.69
N GLU B 188 -2.96 -24.66 -11.23
CA GLU B 188 -2.74 -24.77 -9.78
C GLU B 188 -2.65 -23.38 -9.16
N THR B 189 -2.05 -22.44 -9.86
CA THR B 189 -1.96 -21.08 -9.31
C THR B 189 -3.37 -20.47 -9.19
N THR B 190 -4.23 -20.69 -10.19
CA THR B 190 -5.61 -20.21 -10.13
C THR B 190 -6.34 -20.82 -8.94
N GLU B 191 -6.15 -22.12 -8.71
CA GLU B 191 -6.78 -22.77 -7.58
C GLU B 191 -6.25 -22.20 -6.25
N LEU B 192 -4.93 -22.01 -6.19
CA LEU B 192 -4.31 -21.44 -5.02
C LEU B 192 -4.87 -20.05 -4.72
N LEU B 193 -5.14 -19.28 -5.75
CA LEU B 193 -5.61 -17.91 -5.58
C LEU B 193 -7.05 -17.82 -5.09
N LYS B 194 -7.77 -18.95 -5.03
CA LYS B 194 -9.09 -18.99 -4.42
C LYS B 194 -8.95 -19.06 -2.88
N GLU B 195 -7.81 -19.50 -2.36
CA GLU B 195 -7.61 -19.60 -0.92
C GLU B 195 -7.46 -18.22 -0.32
N ARG B 196 -7.68 -18.11 0.98
CA ARG B 196 -7.63 -16.81 1.65
C ARG B 196 -6.26 -16.52 2.24
N PHE B 197 -5.61 -15.50 1.70
CA PHE B 197 -4.30 -15.04 2.22
C PHE B 197 -4.43 -13.64 2.83
N ASP B 198 -3.41 -13.24 3.60
CA ASP B 198 -3.37 -11.93 4.23
C ASP B 198 -2.50 -10.96 3.48
N HIS B 199 -1.73 -11.46 2.51
CA HIS B 199 -1.00 -10.61 1.56
C HIS B 199 -0.57 -11.48 0.41
N ILE B 200 -0.48 -10.92 -0.79
CA ILE B 200 0.10 -11.64 -1.95
C ILE B 200 1.14 -10.78 -2.58
N LEU B 201 2.36 -11.32 -2.77
CA LEU B 201 3.39 -10.70 -3.57
C LEU B 201 3.55 -11.53 -4.87
N TYR B 202 3.44 -10.84 -5.99
CA TYR B 202 3.53 -11.45 -7.32
C TYR B 202 4.57 -10.72 -8.11
N THR B 203 5.49 -11.45 -8.73
CA THR B 203 6.42 -10.90 -9.72
C THR B 203 6.07 -11.56 -11.05
N GLY B 204 5.84 -10.73 -12.08
CA GLY B 204 5.59 -11.25 -13.44
C GLY B 204 5.05 -10.16 -14.36
N SER B 205 4.03 -10.54 -15.11
CA SER B 205 3.52 -9.65 -16.15
C SER B 205 2.43 -8.69 -15.68
N THR B 206 2.36 -7.56 -16.36
CA THR B 206 1.32 -6.57 -16.12
C THR B 206 -0.09 -7.20 -16.26
N GLY B 207 -0.31 -7.97 -17.33
CA GLY B 207 -1.59 -8.63 -17.57
C GLY B 207 -1.98 -9.51 -16.40
N VAL B 208 -1.03 -10.35 -15.95
CA VAL B 208 -1.37 -11.30 -14.90
C VAL B 208 -1.52 -10.55 -13.55
N GLY B 209 -0.82 -9.43 -13.35
CA GLY B 209 -1.03 -8.63 -12.14
C GLY B 209 -2.51 -8.22 -11.98
N LYS B 210 -3.18 -7.95 -13.08
CA LYS B 210 -4.62 -7.61 -13.04
C LYS B 210 -5.44 -8.78 -12.49
N ILE B 211 -5.07 -10.00 -12.91
CA ILE B 211 -5.79 -11.20 -12.54
C ILE B 211 -5.57 -11.48 -11.05
N ILE B 212 -4.33 -11.27 -10.62
CA ILE B 212 -3.96 -11.45 -9.20
C ILE B 212 -4.69 -10.46 -8.31
N MET B 213 -4.69 -9.18 -8.72
CA MET B 213 -5.35 -8.18 -7.89
C MET B 213 -6.87 -8.45 -7.83
N THR B 214 -7.47 -8.93 -8.93
CA THR B 214 -8.89 -9.26 -8.96
C THR B 214 -9.19 -10.43 -8.00
N ALA B 215 -8.34 -11.44 -8.01
CA ALA B 215 -8.50 -12.57 -7.10
C ALA B 215 -8.33 -12.10 -5.67
N ALA B 216 -7.35 -11.22 -5.45
CA ALA B 216 -7.10 -10.69 -4.12
C ALA B 216 -8.30 -9.91 -3.53
N ALA B 217 -9.00 -9.19 -4.41
CA ALA B 217 -10.11 -8.40 -3.96
C ALA B 217 -11.20 -9.23 -3.28
N LYS B 218 -11.33 -10.50 -3.64
CA LYS B 218 -12.42 -11.30 -3.09
C LYS B 218 -12.26 -11.53 -1.58
N HIS B 219 -11.03 -11.41 -1.06
CA HIS B 219 -10.77 -11.49 0.38
C HIS B 219 -10.13 -10.21 0.96
N LEU B 220 -10.23 -9.11 0.19
CA LEU B 220 -9.56 -7.86 0.56
C LEU B 220 -8.10 -8.12 0.96
N THR B 221 -7.38 -8.83 0.11
CA THR B 221 -6.02 -9.17 0.38
C THR B 221 -5.13 -8.11 -0.24
N PRO B 222 -4.29 -7.45 0.54
CA PRO B 222 -3.32 -6.47 -0.02
C PRO B 222 -2.31 -7.14 -0.91
N VAL B 223 -1.86 -6.44 -1.93
CA VAL B 223 -0.96 -6.99 -2.90
C VAL B 223 0.27 -6.15 -3.09
N THR B 224 1.38 -6.82 -3.31
CA THR B 224 2.59 -6.21 -3.85
C THR B 224 2.76 -6.82 -5.22
N LEU B 225 2.69 -5.97 -6.26
CA LEU B 225 2.75 -6.46 -7.65
C LEU B 225 4.00 -5.87 -8.27
N GLU B 226 4.93 -6.73 -8.66
CA GLU B 226 6.18 -6.32 -9.31
C GLU B 226 6.07 -6.73 -10.76
N LEU B 227 5.78 -5.78 -11.64
CA LEU B 227 5.25 -6.13 -12.98
C LEU B 227 6.21 -5.69 -14.05
N GLY B 228 5.70 -5.31 -15.20
CA GLY B 228 6.62 -5.09 -16.33
C GLY B 228 6.46 -3.78 -17.05
N GLY B 229 7.04 -3.74 -18.24
CA GLY B 229 7.14 -2.50 -19.00
C GLY B 229 8.43 -2.60 -19.79
N LYS B 230 8.76 -1.50 -20.46
CA LYS B 230 10.05 -1.34 -21.16
C LYS B 230 10.82 -0.21 -20.49
N SER B 231 11.89 -0.58 -19.80
CA SER B 231 12.73 0.41 -19.11
C SER B 231 13.60 1.15 -20.12
N PRO B 232 13.34 2.46 -20.29
CA PRO B 232 14.08 3.20 -21.29
C PRO B 232 15.48 3.56 -20.79
N CYS B 233 16.39 3.74 -21.73
CA CYS B 233 17.75 4.12 -21.40
C CYS B 233 18.15 5.27 -22.31
N TYR B 234 18.05 6.48 -21.77
CA TYR B 234 18.41 7.68 -22.53
C TYR B 234 19.93 7.92 -22.44
N VAL B 235 20.56 8.10 -23.59
CA VAL B 235 21.99 8.42 -23.61
C VAL B 235 22.24 9.83 -24.14
N ASP B 236 22.80 10.68 -23.28
CA ASP B 236 23.11 12.07 -23.59
C ASP B 236 24.26 12.14 -24.59
N LYS B 237 24.09 13.00 -25.60
CA LYS B 237 25.10 13.29 -26.64
C LYS B 237 26.47 13.57 -26.08
N ASN B 238 26.49 14.24 -24.93
CA ASN B 238 27.70 14.84 -24.42
C ASN B 238 28.50 13.95 -23.47
N CYS B 239 27.99 12.74 -23.21
CA CYS B 239 28.60 11.90 -22.17
C CYS B 239 29.73 11.00 -22.69
N ASP B 240 30.49 10.40 -21.77
CA ASP B 240 31.51 9.39 -22.07
C ASP B 240 30.87 8.07 -22.54
N LEU B 241 30.80 7.88 -23.86
CA LEU B 241 30.14 6.72 -24.44
C LEU B 241 30.87 5.40 -24.16
N ASP B 242 32.18 5.46 -23.89
CA ASP B 242 32.91 4.23 -23.57
C ASP B 242 32.44 3.58 -22.29
N VAL B 243 32.39 4.40 -21.24
CA VAL B 243 31.92 4.00 -19.92
C VAL B 243 30.43 3.68 -19.98
N ALA B 244 29.65 4.56 -20.59
CA ALA B 244 28.20 4.33 -20.68
C ALA B 244 27.85 2.99 -21.31
N CYS B 245 28.44 2.69 -22.48
CA CYS B 245 27.98 1.55 -23.26
C CYS B 245 28.41 0.22 -22.66
N ARG B 246 29.52 0.23 -21.96
CA ARG B 246 29.94 -0.98 -21.25
C ARG B 246 28.93 -1.35 -20.14
N ARG B 247 28.48 -0.33 -19.43
CA ARG B 247 27.49 -0.51 -18.36
C ARG B 247 26.16 -0.98 -18.91
N ILE B 248 25.73 -0.31 -19.98
CA ILE B 248 24.49 -0.69 -20.68
C ILE B 248 24.55 -2.11 -21.18
N ALA B 249 25.57 -2.44 -21.95
CA ALA B 249 25.75 -3.81 -22.45
C ALA B 249 25.64 -4.86 -21.33
N TRP B 250 26.32 -4.62 -20.22
CA TRP B 250 26.33 -5.53 -19.06
C TRP B 250 24.91 -5.79 -18.57
N GLY B 251 24.16 -4.71 -18.35
CA GLY B 251 22.79 -4.83 -17.82
C GLY B 251 21.83 -5.43 -18.81
N LYS B 252 21.99 -5.08 -20.08
CA LYS B 252 21.11 -5.57 -21.13
C LYS B 252 21.30 -7.05 -21.38
N PHE B 253 22.55 -7.50 -21.43
CA PHE B 253 22.80 -8.85 -21.92
C PHE B 253 23.02 -9.89 -20.83
N MET B 254 23.06 -9.46 -19.56
CA MET B 254 23.14 -10.42 -18.45
C MET B 254 21.85 -11.25 -18.50
N ASN B 255 21.95 -12.52 -18.13
CA ASN B 255 20.80 -13.42 -18.15
C ASN B 255 20.10 -13.47 -19.51
N SER B 256 20.93 -13.43 -20.57
CA SER B 256 20.43 -13.30 -21.94
C SER B 256 19.24 -12.33 -22.09
N GLY B 257 19.31 -11.18 -21.40
CA GLY B 257 18.33 -10.08 -21.57
C GLY B 257 17.07 -10.24 -20.71
N GLN B 258 17.01 -11.32 -19.93
CA GLN B 258 15.79 -11.71 -19.22
C GLN B 258 15.80 -11.15 -17.79
N THR B 259 15.78 -9.82 -17.72
CA THR B 259 15.78 -9.13 -16.44
C THR B 259 14.72 -8.05 -16.41
N CYS B 260 13.96 -7.99 -15.32
CA CYS B 260 12.88 -7.02 -15.17
C CYS B 260 13.34 -5.57 -15.29
N VAL B 261 14.58 -5.28 -14.86
CA VAL B 261 15.11 -3.93 -14.97
C VAL B 261 16.26 -3.83 -15.97
N ALA B 262 16.31 -4.75 -16.90
CA ALA B 262 17.24 -4.56 -18.04
C ALA B 262 16.93 -3.21 -18.71
N PRO B 263 17.96 -2.50 -19.19
CA PRO B 263 17.64 -1.37 -20.08
C PRO B 263 17.09 -1.91 -21.39
N ASP B 264 15.79 -1.76 -21.63
CA ASP B 264 15.09 -2.51 -22.70
C ASP B 264 15.48 -1.96 -24.07
N TYR B 265 15.54 -0.63 -24.17
CA TYR B 265 15.79 0.11 -25.42
C TYR B 265 16.57 1.38 -25.12
N ILE B 266 17.29 1.85 -26.14
CA ILE B 266 18.06 3.10 -26.04
C ILE B 266 17.34 4.23 -26.79
N LEU B 267 17.32 5.41 -26.15
CA LEU B 267 16.94 6.66 -26.80
C LEU B 267 18.22 7.50 -26.93
N CYS B 268 18.53 7.91 -28.16
CA CYS B 268 19.71 8.75 -28.37
C CYS B 268 19.57 9.65 -29.57
N ASP B 269 20.37 10.71 -29.56
CA ASP B 269 20.53 11.57 -30.74
C ASP B 269 21.11 10.77 -31.91
N PRO B 270 20.61 11.02 -33.14
CA PRO B 270 21.11 10.24 -34.27
C PRO B 270 22.61 10.44 -34.53
N SER B 271 23.14 11.57 -34.06
CA SER B 271 24.56 11.88 -34.25
C SER B 271 25.49 10.98 -33.44
N ILE B 272 24.93 10.25 -32.47
CA ILE B 272 25.74 9.32 -31.69
C ILE B 272 25.36 7.83 -31.82
N GLN B 273 24.41 7.51 -32.68
CA GLN B 273 23.94 6.13 -32.86
C GLN B 273 25.07 5.18 -33.28
N ASN B 274 25.85 5.56 -34.30
CA ASN B 274 26.98 4.74 -34.75
C ASN B 274 28.04 4.48 -33.67
N GLN B 275 28.42 5.51 -32.93
CA GLN B 275 29.36 5.34 -31.81
C GLN B 275 28.83 4.39 -30.73
N ILE B 276 27.54 4.48 -30.46
CA ILE B 276 26.91 3.59 -29.50
C ILE B 276 26.96 2.14 -29.99
N VAL B 277 26.61 1.91 -31.26
CA VAL B 277 26.67 0.57 -31.86
C VAL B 277 28.08 0.02 -31.73
N GLU B 278 29.06 0.86 -32.06
CA GLU B 278 30.47 0.48 -31.99
C GLU B 278 30.99 0.11 -30.60
N LYS B 279 30.64 0.91 -29.58
CA LYS B 279 31.17 0.69 -28.24
C LYS B 279 30.42 -0.47 -27.54
N LEU B 280 29.11 -0.60 -27.84
CA LEU B 280 28.33 -1.77 -27.43
C LEU B 280 28.97 -3.04 -27.99
N LYS B 281 29.23 -3.07 -29.29
CA LYS B 281 29.92 -4.20 -29.94
C LYS B 281 31.26 -4.49 -29.28
N LYS B 282 32.02 -3.44 -29.00
CA LYS B 282 33.34 -3.59 -28.35
C LYS B 282 33.26 -4.30 -27.00
N SER B 283 32.30 -3.87 -26.18
CA SER B 283 32.09 -4.47 -24.87
C SER B 283 31.53 -5.88 -24.96
N LEU B 284 30.58 -6.13 -25.88
CA LEU B 284 30.02 -7.46 -26.10
C LEU B 284 31.11 -8.49 -26.43
N LYS B 285 32.09 -8.09 -27.24
CA LYS B 285 33.20 -8.98 -27.59
C LYS B 285 34.16 -9.23 -26.42
N GLU B 286 34.41 -8.21 -25.61
CA GLU B 286 35.22 -8.41 -24.39
C GLU B 286 34.51 -9.37 -23.43
N PHE B 287 33.19 -9.22 -23.32
CA PHE B 287 32.41 -10.01 -22.37
C PHE B 287 32.35 -11.48 -22.76
N TYR B 288 32.02 -11.73 -24.03
CA TYR B 288 31.54 -13.04 -24.45
C TYR B 288 32.34 -13.63 -25.59
N GLY B 289 33.32 -12.87 -26.08
CA GLY B 289 34.14 -13.30 -27.21
C GLY B 289 33.49 -12.98 -28.55
N GLU B 290 34.13 -13.43 -29.62
CA GLU B 290 33.62 -13.17 -30.97
C GLU B 290 32.30 -13.90 -31.20
N ASP B 291 32.20 -15.07 -30.59
CA ASP B 291 31.05 -15.94 -30.75
C ASP B 291 30.46 -16.20 -29.38
N ALA B 292 29.38 -15.50 -29.04
CA ALA B 292 28.81 -15.59 -27.68
C ALA B 292 28.26 -16.98 -27.37
N LYS B 293 27.93 -17.74 -28.42
CA LYS B 293 27.51 -19.14 -28.25
C LYS B 293 28.55 -19.99 -27.51
N LYS B 294 29.81 -19.57 -27.54
CA LYS B 294 30.87 -20.34 -26.88
C LYS B 294 31.20 -19.84 -25.49
N SER B 295 30.51 -18.80 -25.03
CA SER B 295 30.83 -18.24 -23.72
C SER B 295 30.06 -18.95 -22.60
N ARG B 296 30.76 -19.40 -21.57
CA ARG B 296 30.10 -19.94 -20.37
C ARG B 296 29.26 -18.88 -19.63
N ASP B 297 29.45 -17.60 -19.96
CA ASP B 297 28.82 -16.50 -19.22
C ASP B 297 27.58 -15.95 -19.89
N TYR B 298 27.21 -16.51 -21.04
CA TYR B 298 26.07 -16.02 -21.78
C TYR B 298 24.96 -17.04 -21.61
N GLY B 299 23.77 -16.53 -21.29
CA GLY B 299 22.62 -17.37 -21.03
C GLY B 299 21.87 -17.89 -22.24
N ARG B 300 20.73 -18.50 -21.94
CA ARG B 300 19.85 -19.04 -22.98
C ARG B 300 18.42 -18.64 -22.62
N ILE B 301 17.60 -18.46 -23.65
CA ILE B 301 16.19 -18.17 -23.47
C ILE B 301 15.49 -19.29 -22.72
N ILE B 302 14.53 -18.91 -21.88
CA ILE B 302 13.95 -19.88 -20.96
C ILE B 302 13.22 -21.03 -21.65
N SER B 303 12.51 -20.72 -22.74
CA SER B 303 11.56 -21.69 -23.28
C SER B 303 11.43 -21.50 -24.78
N ALA B 304 10.91 -22.52 -25.46
CA ALA B 304 10.65 -22.46 -26.89
C ALA B 304 9.71 -21.33 -27.26
N ARG B 305 8.60 -21.21 -26.51
CA ARG B 305 7.64 -20.13 -26.65
C ARG B 305 8.32 -18.76 -26.69
N HIS B 306 9.20 -18.54 -25.71
CA HIS B 306 9.88 -17.25 -25.63
C HIS B 306 11.00 -17.05 -26.65
N PHE B 307 11.67 -18.13 -27.05
CA PHE B 307 12.61 -18.06 -28.15
C PHE B 307 11.94 -17.60 -29.44
N GLN B 308 10.78 -18.18 -29.75
CA GLN B 308 10.05 -17.83 -30.97
C GLN B 308 9.61 -16.36 -30.90
N ARG B 309 9.18 -15.93 -29.71
CA ARG B 309 8.70 -14.56 -29.53
C ARG B 309 9.80 -13.55 -29.71
N VAL B 310 10.95 -13.79 -29.08
CA VAL B 310 12.07 -12.84 -29.19
C VAL B 310 12.62 -12.76 -30.63
N MET B 311 12.82 -13.92 -31.25
CA MET B 311 13.28 -13.95 -32.65
C MET B 311 12.35 -13.19 -33.58
N GLY B 312 11.04 -13.30 -33.33
CA GLY B 312 10.06 -12.55 -34.12
C GLY B 312 10.28 -11.04 -34.09
N LEU B 313 10.85 -10.53 -32.99
CA LEU B 313 11.10 -9.09 -32.80
C LEU B 313 12.26 -8.55 -33.63
N ILE B 314 13.09 -9.45 -34.15
CA ILE B 314 14.19 -9.09 -35.06
C ILE B 314 13.69 -8.91 -36.50
N GLU B 315 12.59 -9.59 -36.86
CA GLU B 315 12.04 -9.54 -38.23
C GLU B 315 11.78 -8.13 -38.71
N GLY B 316 12.14 -7.85 -39.96
CA GLY B 316 11.88 -6.52 -40.56
C GLY B 316 12.67 -5.38 -39.95
N GLN B 317 13.71 -5.71 -39.18
CA GLN B 317 14.54 -4.70 -38.54
C GLN B 317 15.90 -4.60 -39.22
N LYS B 318 16.54 -3.44 -39.08
CA LYS B 318 17.91 -3.21 -39.56
C LYS B 318 18.87 -3.68 -38.47
N VAL B 319 19.58 -4.77 -38.75
CA VAL B 319 20.43 -5.42 -37.77
C VAL B 319 21.84 -4.88 -37.87
N ALA B 320 22.31 -4.25 -36.79
CA ALA B 320 23.66 -3.69 -36.73
C ALA B 320 24.71 -4.68 -36.19
N TYR B 321 24.25 -5.70 -35.46
CA TYR B 321 25.12 -6.71 -34.84
C TYR B 321 24.23 -7.90 -34.47
N GLY B 322 24.75 -9.13 -34.57
CA GLY B 322 23.98 -10.33 -34.23
C GLY B 322 22.81 -10.63 -35.15
N GLY B 323 21.66 -10.95 -34.56
CA GLY B 323 20.43 -11.08 -35.32
C GLY B 323 20.05 -12.50 -35.64
N THR B 324 20.89 -13.45 -35.24
CA THR B 324 20.63 -14.88 -35.46
C THR B 324 20.43 -15.64 -34.16
N GLY B 325 19.82 -16.81 -34.27
CA GLY B 325 19.58 -17.67 -33.13
C GLY B 325 19.66 -19.14 -33.48
N ASP B 326 19.59 -19.98 -32.46
CA ASP B 326 19.59 -21.44 -32.62
C ASP B 326 18.42 -22.01 -31.83
N ALA B 327 17.38 -22.45 -32.54
CA ALA B 327 16.16 -22.98 -31.92
C ALA B 327 16.43 -24.18 -31.02
N ALA B 328 17.36 -25.04 -31.44
CA ALA B 328 17.71 -26.22 -30.67
C ALA B 328 18.27 -25.94 -29.27
N THR B 329 19.05 -24.87 -29.10
CA THR B 329 19.64 -24.60 -27.80
C THR B 329 19.02 -23.37 -27.17
N ARG B 330 18.07 -22.75 -27.87
CA ARG B 330 17.45 -21.45 -27.48
C ARG B 330 18.50 -20.34 -27.23
N TYR B 331 19.57 -20.37 -28.01
CA TYR B 331 20.54 -19.31 -28.03
C TYR B 331 20.07 -18.20 -28.95
N ILE B 332 20.11 -16.96 -28.47
CA ILE B 332 19.90 -15.81 -29.34
C ILE B 332 21.15 -14.93 -29.26
N ALA B 333 21.77 -14.71 -30.41
CA ALA B 333 22.99 -13.91 -30.42
C ALA B 333 22.69 -12.50 -29.94
N PRO B 334 23.65 -11.92 -29.21
CA PRO B 334 23.52 -10.51 -28.80
C PRO B 334 23.29 -9.61 -30.03
N THR B 335 22.14 -8.95 -30.05
CA THR B 335 21.61 -8.28 -31.22
C THR B 335 21.37 -6.79 -30.98
N ILE B 336 21.84 -5.95 -31.90
CA ILE B 336 21.62 -4.50 -31.84
C ILE B 336 20.86 -4.06 -33.09
N LEU B 337 19.78 -3.31 -32.90
CA LEU B 337 18.96 -2.86 -34.01
C LEU B 337 19.04 -1.35 -34.09
N THR B 338 19.12 -0.81 -35.31
CA THR B 338 19.29 0.64 -35.50
C THR B 338 18.08 1.28 -36.16
N ASP B 339 17.96 2.59 -35.95
CA ASP B 339 16.89 3.41 -36.52
C ASP B 339 15.52 2.74 -36.40
N VAL B 340 15.22 2.26 -35.18
CA VAL B 340 14.04 1.44 -34.97
C VAL B 340 12.77 2.30 -34.95
N ASP B 341 11.76 1.88 -35.70
CA ASP B 341 10.43 2.48 -35.67
C ASP B 341 9.76 2.21 -34.31
N PRO B 342 9.46 3.27 -33.54
CA PRO B 342 8.80 3.04 -32.24
C PRO B 342 7.46 2.29 -32.29
N GLN B 343 6.86 2.21 -33.47
CA GLN B 343 5.60 1.49 -33.67
C GLN B 343 5.81 0.02 -34.03
N SER B 344 7.06 -0.36 -34.29
CA SER B 344 7.35 -1.75 -34.70
C SER B 344 7.27 -2.75 -33.52
N PRO B 345 7.06 -4.07 -33.80
CA PRO B 345 6.90 -5.03 -32.69
C PRO B 345 7.95 -4.95 -31.57
N VAL B 346 9.22 -4.78 -31.90
CA VAL B 346 10.29 -4.77 -30.90
C VAL B 346 10.18 -3.56 -29.92
N MET B 347 9.45 -2.53 -30.36
CA MET B 347 9.18 -1.37 -29.53
C MET B 347 7.73 -1.30 -28.97
N GLN B 348 6.99 -2.39 -29.11
CA GLN B 348 5.61 -2.46 -28.63
C GLN B 348 5.36 -3.55 -27.58
N GLU B 349 6.43 -4.20 -27.15
CA GLU B 349 6.39 -5.15 -26.04
C GLU B 349 7.71 -5.23 -25.28
N GLU B 350 7.65 -5.60 -24.01
CA GLU B 350 8.84 -5.84 -23.23
C GLU B 350 9.64 -6.97 -23.88
N ILE B 351 10.90 -6.69 -24.16
CA ILE B 351 11.68 -7.59 -25.00
C ILE B 351 12.07 -8.84 -24.24
N PHE B 352 12.63 -8.67 -23.04
CA PHE B 352 13.05 -9.80 -22.20
C PHE B 352 13.95 -10.76 -22.97
N GLY B 353 14.91 -10.20 -23.68
CA GLY B 353 15.76 -10.98 -24.60
C GLY B 353 16.92 -10.12 -25.06
N PRO B 354 17.92 -10.76 -25.71
CA PRO B 354 19.18 -10.07 -26.01
C PRO B 354 19.06 -9.34 -27.36
N VAL B 355 18.03 -8.49 -27.47
CA VAL B 355 17.76 -7.67 -28.65
C VAL B 355 17.64 -6.22 -28.18
N LEU B 356 18.55 -5.38 -28.64
CA LEU B 356 18.60 -4.00 -28.16
C LEU B 356 18.31 -2.98 -29.26
N PRO B 357 17.07 -2.47 -29.32
CA PRO B 357 16.71 -1.46 -30.33
C PRO B 357 17.18 -0.07 -29.92
N ILE B 358 17.65 0.70 -30.90
CA ILE B 358 18.05 2.09 -30.68
C ILE B 358 17.03 2.98 -31.39
N VAL B 359 16.39 3.83 -30.60
CA VAL B 359 15.33 4.69 -31.08
C VAL B 359 15.87 6.13 -31.04
N CYS B 360 15.72 6.84 -32.14
CA CYS B 360 16.32 8.17 -32.20
CA CYS B 360 16.27 8.20 -32.30
C CYS B 360 15.40 9.28 -31.67
N VAL B 361 15.99 10.19 -30.90
CA VAL B 361 15.33 11.41 -30.41
C VAL B 361 16.22 12.62 -30.69
N ARG B 362 15.60 13.79 -30.94
CA ARG B 362 16.36 15.01 -31.26
C ARG B 362 16.87 15.80 -30.05
N SER B 363 16.38 15.46 -28.85
CA SER B 363 16.65 16.27 -27.66
C SER B 363 16.21 15.48 -26.44
N LEU B 364 16.64 15.97 -25.28
CA LEU B 364 16.18 15.45 -23.98
C LEU B 364 14.66 15.59 -23.88
N GLU B 365 14.15 16.71 -24.37
CA GLU B 365 12.74 17.01 -24.28
C GLU B 365 11.88 16.05 -25.10
N GLU B 366 12.36 15.66 -26.27
CA GLU B 366 11.67 14.65 -27.04
C GLU B 366 11.73 13.30 -26.33
N ALA B 367 12.85 13.00 -25.67
CA ALA B 367 12.99 11.72 -24.93
C ALA B 367 11.98 11.67 -23.78
N ILE B 368 11.88 12.76 -23.04
CA ILE B 368 10.93 12.87 -21.92
C ILE B 368 9.50 12.68 -22.38
N GLN B 369 9.11 13.35 -23.46
CA GLN B 369 7.78 13.16 -24.03
C GLN B 369 7.56 11.69 -24.48
N PHE B 370 8.58 11.10 -25.13
CA PHE B 370 8.52 9.70 -25.60
C PHE B 370 8.21 8.78 -24.41
N ILE B 371 8.96 8.94 -23.34
CA ILE B 371 8.78 8.13 -22.13
C ILE B 371 7.42 8.32 -21.50
N ASN B 372 6.99 9.59 -21.41
CA ASN B 372 5.72 9.96 -20.80
C ASN B 372 4.50 9.48 -21.52
N GLN B 373 4.60 9.32 -22.86
CA GLN B 373 3.46 8.87 -23.66
C GLN B 373 3.23 7.37 -23.51
N ARG B 374 4.22 6.67 -22.98
CA ARG B 374 4.12 5.25 -22.75
C ARG B 374 3.81 4.99 -21.26
N GLU B 375 3.56 3.71 -20.95
CA GLU B 375 3.27 3.31 -19.57
C GLU B 375 4.52 3.45 -18.68
N LYS B 376 4.30 3.70 -17.37
CA LYS B 376 5.38 4.01 -16.47
C LYS B 376 6.24 2.76 -16.26
N PRO B 377 7.54 2.86 -16.58
CA PRO B 377 8.39 1.67 -16.54
C PRO B 377 8.88 1.34 -15.13
N LEU B 378 9.30 0.10 -14.97
CA LEU B 378 9.79 -0.34 -13.66
C LEU B 378 11.08 0.39 -13.26
N ALA B 379 11.98 0.54 -14.24
CA ALA B 379 13.16 1.37 -14.11
C ALA B 379 13.27 2.37 -15.28
N LEU B 380 13.91 3.49 -14.96
CA LEU B 380 14.30 4.48 -15.97
C LEU B 380 15.78 4.74 -15.80
N TYR B 381 16.49 4.76 -16.94
CA TYR B 381 17.92 4.96 -16.95
C TYR B 381 18.31 6.15 -17.83
N MET B 382 19.32 6.86 -17.36
CA MET B 382 19.89 7.95 -18.16
C MET B 382 21.40 7.98 -17.94
N PHE B 383 22.10 8.27 -19.03
CA PHE B 383 23.56 8.40 -19.02
C PHE B 383 23.93 9.81 -19.47
N SER B 384 24.59 10.52 -18.56
CA SER B 384 24.89 11.95 -18.72
C SER B 384 25.80 12.43 -17.62
N SER B 385 26.76 13.29 -17.98
CA SER B 385 27.55 13.95 -16.92
C SER B 385 26.99 15.32 -16.54
N ASN B 386 25.82 15.63 -17.06
CA ASN B 386 25.16 16.89 -16.76
C ASN B 386 24.10 16.76 -15.66
N ASP B 387 24.35 17.40 -14.51
CA ASP B 387 23.45 17.28 -13.34
C ASP B 387 22.05 17.75 -13.66
N LYS B 388 21.98 18.84 -14.43
CA LYS B 388 20.70 19.44 -14.79
C LYS B 388 19.87 18.51 -15.68
N VAL B 389 20.54 17.74 -16.56
CA VAL B 389 19.87 16.77 -17.44
C VAL B 389 19.23 15.67 -16.60
N ILE B 390 20.01 15.19 -15.63
CA ILE B 390 19.56 14.15 -14.70
C ILE B 390 18.34 14.63 -13.88
N LYS B 391 18.48 15.78 -13.23
CA LYS B 391 17.40 16.33 -12.39
C LYS B 391 16.13 16.54 -13.21
N LYS B 392 16.27 17.03 -14.43
CA LYS B 392 15.11 17.37 -15.22
C LYS B 392 14.39 16.11 -15.72
N MET B 393 15.16 15.09 -16.10
CA MET B 393 14.53 13.86 -16.58
C MET B 393 13.76 13.21 -15.42
N ILE B 394 14.37 13.19 -14.24
CA ILE B 394 13.69 12.63 -13.05
C ILE B 394 12.45 13.44 -12.74
N ALA B 395 12.58 14.78 -12.74
CA ALA B 395 11.46 15.66 -12.36
C ALA B 395 10.23 15.51 -13.27
N GLU B 396 10.48 15.23 -14.55
CA GLU B 396 9.46 15.28 -15.55
C GLU B 396 8.87 13.94 -16.00
N THR B 397 9.37 12.84 -15.43
CA THR B 397 8.88 11.50 -15.77
C THR B 397 8.49 10.81 -14.48
N SER B 398 7.97 9.60 -14.62
CA SER B 398 7.66 8.75 -13.48
C SER B 398 8.07 7.33 -13.81
N SER B 399 8.75 6.66 -12.87
CA SER B 399 9.12 5.26 -13.03
C SER B 399 9.21 4.62 -11.65
N GLY B 400 9.24 3.28 -11.62
CA GLY B 400 9.41 2.56 -10.33
C GLY B 400 10.60 3.10 -9.57
N GLY B 401 11.76 2.95 -10.19
CA GLY B 401 12.99 3.52 -9.70
C GLY B 401 13.84 4.08 -10.85
N VAL B 402 14.96 4.70 -10.47
CA VAL B 402 15.84 5.39 -11.42
C VAL B 402 17.30 5.11 -11.11
N ALA B 403 18.08 4.84 -12.16
CA ALA B 403 19.55 4.93 -12.05
C ALA B 403 20.12 5.86 -13.12
N ALA B 404 20.97 6.77 -12.67
CA ALA B 404 21.78 7.64 -13.55
C ALA B 404 23.20 7.12 -13.62
N ASN B 405 23.64 6.87 -14.86
CA ASN B 405 25.01 6.41 -15.14
C ASN B 405 25.31 4.98 -14.75
N ASP B 406 24.27 4.22 -14.44
CA ASP B 406 24.43 2.78 -14.31
C ASP B 406 23.08 2.12 -14.50
N VAL B 407 23.11 0.80 -14.59
CA VAL B 407 21.88 0.01 -14.73
C VAL B 407 21.89 -1.08 -13.69
N ILE B 408 20.69 -1.61 -13.37
CA ILE B 408 20.49 -2.80 -12.50
C ILE B 408 20.73 -2.52 -11.02
N VAL B 409 21.84 -1.87 -10.71
CA VAL B 409 22.37 -1.79 -9.35
C VAL B 409 21.43 -1.12 -8.31
N HIS B 410 20.55 -0.22 -8.76
CA HIS B 410 19.65 0.45 -7.82
C HIS B 410 18.68 -0.46 -7.11
N ILE B 411 18.45 -1.67 -7.64
CA ILE B 411 17.54 -2.61 -6.97
C ILE B 411 18.28 -3.60 -6.07
N THR B 412 19.56 -3.35 -5.83
CA THR B 412 20.39 -4.29 -5.04
C THR B 412 20.82 -3.67 -3.73
N LEU B 413 20.30 -2.48 -3.44
CA LEU B 413 20.74 -1.75 -2.25
C LEU B 413 19.68 -1.83 -1.14
N HIS B 414 20.13 -2.15 0.08
CA HIS B 414 19.23 -2.31 1.23
C HIS B 414 18.35 -1.06 1.46
N SER B 415 18.89 0.11 1.16
CA SER B 415 18.24 1.37 1.49
C SER B 415 17.29 1.90 0.41
N LEU B 416 17.19 1.21 -0.72
CA LEU B 416 16.35 1.65 -1.83
C LEU B 416 15.23 0.65 -2.10
N PRO B 417 14.05 0.93 -1.57
CA PRO B 417 12.93 0.05 -1.86
C PRO B 417 12.75 -0.21 -3.36
N PHE B 418 12.39 -1.45 -3.70
CA PHE B 418 12.25 -1.85 -5.08
C PHE B 418 10.80 -2.15 -5.43
N GLY B 419 10.28 -1.44 -6.41
CA GLY B 419 8.94 -1.67 -6.89
C GLY B 419 8.62 -0.73 -8.04
N GLY B 420 7.44 -0.93 -8.59
CA GLY B 420 6.97 -0.22 -9.74
C GLY B 420 5.98 0.89 -9.40
N VAL B 421 5.42 1.45 -10.46
CA VAL B 421 4.35 2.45 -10.35
C VAL B 421 3.53 2.32 -11.60
N GLY B 422 2.22 2.54 -11.52
CA GLY B 422 1.37 2.30 -12.70
C GLY B 422 1.44 0.88 -13.22
N ASN B 423 1.55 0.71 -14.54
CA ASN B 423 1.58 -0.64 -15.08
C ASN B 423 2.79 -1.48 -14.67
N SER B 424 3.87 -0.86 -14.17
CA SER B 424 4.98 -1.65 -13.65
C SER B 424 4.78 -2.18 -12.24
N GLY B 425 3.70 -1.76 -11.58
CA GLY B 425 3.38 -2.38 -10.30
C GLY B 425 2.95 -1.42 -9.22
N MET B 426 2.71 -2.01 -8.05
CA MET B 426 2.38 -1.25 -6.82
C MET B 426 3.01 -1.94 -5.63
N GLY B 427 3.32 -1.18 -4.60
CA GLY B 427 4.03 -1.72 -3.42
C GLY B 427 5.51 -1.84 -3.72
N SER B 428 6.26 -2.25 -2.71
CA SER B 428 7.72 -2.40 -2.84
C SER B 428 8.24 -3.30 -1.74
N TYR B 429 9.50 -3.72 -1.89
CA TYR B 429 10.10 -4.53 -0.83
C TYR B 429 11.59 -4.40 -0.94
N HIS B 430 12.31 -5.21 -0.15
CA HIS B 430 13.77 -5.14 0.10
C HIS B 430 14.06 -4.40 1.41
N GLY B 431 14.91 -5.01 2.24
CA GLY B 431 15.30 -4.43 3.54
C GLY B 431 14.12 -4.08 4.43
N LYS B 432 14.20 -2.91 5.07
CA LYS B 432 13.16 -2.53 6.03
C LYS B 432 11.79 -2.54 5.37
N LYS B 433 11.76 -2.15 4.09
CA LYS B 433 10.50 -2.12 3.39
C LYS B 433 9.87 -3.49 3.31
N SER B 434 10.66 -4.56 3.22
CA SER B 434 10.06 -5.90 3.25
C SER B 434 9.34 -6.14 4.59
N PHE B 435 10.00 -5.79 5.68
CA PHE B 435 9.38 -5.97 6.98
C PHE B 435 8.05 -5.22 7.08
N GLU B 436 8.08 -3.96 6.63
CA GLU B 436 6.87 -3.13 6.64
C GLU B 436 5.77 -3.70 5.72
N THR B 437 6.13 -4.12 4.52
CA THR B 437 5.18 -4.62 3.56
C THR B 437 4.43 -5.84 4.06
N PHE B 438 5.14 -6.70 4.80
CA PHE B 438 4.55 -7.94 5.27
C PHE B 438 4.03 -7.86 6.73
N SER B 439 3.93 -6.63 7.26
CA SER B 439 3.37 -6.36 8.58
C SER B 439 2.16 -5.48 8.45
N HIS B 440 1.30 -5.57 9.45
CA HIS B 440 0.33 -4.49 9.67
C HIS B 440 0.94 -3.51 10.69
N ARG B 441 0.96 -2.22 10.37
CA ARG B 441 1.48 -1.17 11.25
C ARG B 441 0.27 -0.50 11.89
N ARG B 442 0.12 -0.75 13.18
CA ARG B 442 -1.11 -0.51 13.89
C ARG B 442 -0.89 0.69 14.83
N SER B 443 -1.59 1.77 14.57
CA SER B 443 -1.48 2.94 15.46
C SER B 443 -2.08 2.69 16.82
N CYS B 444 -1.45 3.08 17.90
CA CYS B 444 -1.92 2.81 19.26
C CYS B 444 -1.83 4.06 20.12
N LEU B 445 -2.90 4.34 20.82
CA LEU B 445 -2.94 5.40 21.82
C LEU B 445 -3.31 4.76 23.14
N VAL B 446 -2.48 4.96 24.18
CA VAL B 446 -2.79 4.37 25.47
C VAL B 446 -2.81 5.48 26.45
N ARG B 447 -3.99 5.74 27.00
CA ARG B 447 -4.19 6.82 27.97
C ARG B 447 -4.30 6.28 29.38
N PRO B 448 -3.98 7.13 30.37
CA PRO B 448 -4.20 6.69 31.73
C PRO B 448 -5.71 6.72 31.98
N LEU B 449 -6.23 5.79 32.78
CA LEU B 449 -7.66 5.79 33.09
C LEU B 449 -7.89 6.57 34.39
N MET B 450 -7.82 7.89 34.30
CA MET B 450 -8.01 8.76 35.46
C MET B 450 -8.80 9.93 34.94
N ASN B 451 -9.60 10.55 35.81
CA ASN B 451 -10.27 11.79 35.44
C ASN B 451 -9.31 12.81 34.86
N ASP B 452 -9.68 13.36 33.71
CA ASP B 452 -8.92 14.43 33.08
C ASP B 452 -9.87 15.58 32.80
N GLU B 453 -9.74 16.65 33.57
CA GLU B 453 -10.55 17.85 33.39
C GLU B 453 -10.58 18.38 31.97
N GLY B 454 -9.46 18.24 31.26
CA GLY B 454 -9.31 18.77 29.90
C GLY B 454 -10.18 18.08 28.88
N LEU B 455 -10.61 16.86 29.19
CA LEU B 455 -11.44 16.14 28.23
C LEU B 455 -12.89 16.61 28.26
N LYS B 456 -13.33 17.25 29.35
CA LYS B 456 -14.74 17.50 29.53
C LYS B 456 -15.31 18.43 28.48
N VAL B 457 -14.48 19.26 27.85
CA VAL B 457 -14.90 20.13 26.74
C VAL B 457 -15.68 19.38 25.65
N ARG B 458 -15.28 18.13 25.39
CA ARG B 458 -15.80 17.39 24.26
C ARG B 458 -17.17 16.82 24.57
N TYR B 459 -17.54 16.71 25.83
CA TYR B 459 -18.81 16.02 26.15
C TYR B 459 -19.97 16.97 25.95
N PRO B 460 -21.10 16.44 25.44
CA PRO B 460 -22.31 17.26 25.48
C PRO B 460 -22.75 17.44 26.94
N PRO B 461 -23.57 18.46 27.23
CA PRO B 461 -24.11 19.41 26.23
C PRO B 461 -23.05 20.35 25.72
N SER B 462 -23.17 20.70 24.45
CA SER B 462 -22.28 21.71 23.85
C SER B 462 -22.61 23.09 24.43
N PRO B 463 -21.65 24.03 24.33
CA PRO B 463 -22.01 25.36 24.84
C PRO B 463 -23.14 25.99 24.03
N ALA B 464 -24.03 26.68 24.71
CA ALA B 464 -25.26 27.20 24.07
C ALA B 464 -24.97 28.45 23.25
N LYS B 465 -23.91 29.17 23.62
CA LYS B 465 -23.40 30.28 22.82
C LYS B 465 -22.12 29.88 22.09
N MET B 466 -21.97 30.36 20.86
CA MET B 466 -20.75 30.12 20.12
C MET B 466 -19.66 31.16 20.45
N THR B 467 -18.41 30.74 20.38
CA THR B 467 -17.29 31.65 20.49
C THR B 467 -16.39 31.51 19.26
N GLN B 468 -15.56 32.53 19.05
CA GLN B 468 -14.58 32.53 17.97
C GLN B 468 -13.76 31.24 18.00
N HIS B 469 -13.40 30.75 16.81
CA HIS B 469 -12.59 29.54 16.70
C HIS B 469 -11.10 29.85 16.82
#